data_6BT9
#
_entry.id   6BT9
#
_cell.length_a   85.827
_cell.length_b   82.407
_cell.length_c   101.570
_cell.angle_alpha   90.000
_cell.angle_beta   108.110
_cell.angle_gamma   90.000
#
_symmetry.space_group_name_H-M   'P 1 21 1'
#
loop_
_entity.id
_entity.type
_entity.pdbx_description
1 polymer Chitinase
2 non-polymer 'CALCIUM ION'
3 water water
#
_entity_poly.entity_id   1
_entity_poly.type   'polypeptide(L)'
_entity_poly.pdbx_seq_one_letter_code
;MNHKVHHHHHHIEGRHMELGTLEGSEFKLMDSPKQSQKIVGYFPSWGVYGRNYQVADIDASKLTHLNYAFADICWNGKHG
NPSTHPDNPNKQTWNCKESGVPLQNKEVPNGTLVLGEPWADVTKSYPVSGTTWEDCDKYARCGNFGELKRLKAKYPHLKT
IISVGGWTWSNRFSDMAADEKTRKVFAESTVAFLRAYGFDGVDLDWEYPGVETIPGGSYRPEDKQNFTLLLQDVRNALNK
AGAEDGKQYLLTIASGASQRYADHTELKKISQILDWINIMTYDFHGGWEATSNHNAALYKDPNDPAANTNFYVDGAINVY
TNEGVPVDKLVLGVPFYGRGWKSCGKENNGQYQPCKPGSDGKLASKGTWDDYSTGDTGVYDYGDLAANYVNKNGFVRYWN
DTAKVPYLYNATTGTFISYDDNESMKYKTDYIKTKGLSGAMFWELSGDCRTSPKYSCSGPKLLDTLVKELLGGPINQKDT
EPPTNVKNIVVTNKNSNSVQLNWTASTDNVGVTEYEITAGEEKWSTTTNSITIKNLKPNTEYTFSIIAKDAAGNKSQPTA
LTVKTDEANTTPPDGNGTATFSVTSNWGSGYNFSIIIKNNGTTPIKNWKLEFDYSGNLTQVWDSKISSKTNNHYVITNAG
WNGEIPSGGSITIGGAGTGNPAELLNAVISEN
;
_entity_poly.pdbx_strand_id   A,B
#
# COMPACT_ATOMS: atom_id res chain seq x y z
N SER A 36 -26.32 18.89 2.05
CA SER A 36 -25.07 18.07 1.99
C SER A 36 -24.40 18.28 0.63
N GLN A 37 -23.09 18.54 0.64
CA GLN A 37 -22.37 18.98 -0.55
C GLN A 37 -21.36 17.91 -0.94
N LYS A 38 -21.02 17.94 -2.23
CA LYS A 38 -20.09 17.02 -2.85
C LYS A 38 -18.90 17.77 -3.44
N ILE A 39 -17.73 17.15 -3.38
CA ILE A 39 -16.57 17.61 -4.11
C ILE A 39 -16.06 16.45 -4.96
N VAL A 40 -16.21 16.59 -6.28
CA VAL A 40 -15.89 15.56 -7.26
C VAL A 40 -14.66 16.03 -8.07
N GLY A 41 -13.51 15.36 -7.92
CA GLY A 41 -12.31 15.77 -8.60
C GLY A 41 -11.97 14.85 -9.73
N TYR A 42 -11.51 15.43 -10.85
CA TYR A 42 -11.04 14.67 -12.00
C TYR A 42 -9.52 14.40 -11.88
N PHE A 43 -9.14 13.12 -12.04
CA PHE A 43 -7.75 12.67 -12.11
C PHE A 43 -7.41 12.28 -13.55
N PRO A 44 -6.50 13.01 -14.22
CA PRO A 44 -6.03 12.63 -15.55
C PRO A 44 -5.01 11.48 -15.56
N SER A 45 -5.36 10.39 -16.24
N SER A 45 -5.36 10.40 -16.25
CA SER A 45 -4.47 9.24 -16.41
CA SER A 45 -4.47 9.25 -16.42
C SER A 45 -3.06 9.72 -16.76
C SER A 45 -3.06 9.72 -16.76
N TRP A 46 -2.97 10.63 -17.75
CA TRP A 46 -1.72 11.08 -18.35
C TRP A 46 -0.93 12.02 -17.42
N GLY A 47 -1.52 12.48 -16.32
CA GLY A 47 -0.79 13.24 -15.37
C GLY A 47 0.40 12.50 -14.78
N VAL A 48 0.41 11.16 -14.83
CA VAL A 48 1.48 10.39 -14.16
C VAL A 48 2.82 10.47 -14.91
N TYR A 49 2.86 11.00 -16.13
CA TYR A 49 4.13 11.18 -16.93
C TYR A 49 4.73 12.58 -16.68
N GLY A 50 4.79 13.43 -17.72
CA GLY A 50 5.45 14.75 -17.65
C GLY A 50 5.04 15.60 -16.45
N ARG A 51 3.74 15.60 -16.09
CA ARG A 51 3.18 16.46 -15.02
C ARG A 51 3.55 15.95 -13.62
N ASN A 52 3.92 14.66 -13.54
CA ASN A 52 4.36 14.00 -12.31
C ASN A 52 3.38 14.24 -11.16
N TYR A 53 2.10 13.93 -11.41
CA TYR A 53 1.10 13.92 -10.36
C TYR A 53 0.56 12.48 -10.23
N GLN A 54 0.86 11.84 -9.09
CA GLN A 54 0.56 10.41 -8.87
C GLN A 54 -0.67 10.31 -7.99
N VAL A 55 -1.31 9.15 -7.98
CA VAL A 55 -2.46 8.92 -7.15
C VAL A 55 -2.11 9.17 -5.67
N ALA A 56 -0.89 8.77 -5.28
CA ALA A 56 -0.43 8.85 -3.88
C ALA A 56 -0.41 10.31 -3.39
N ASP A 57 -0.18 11.26 -4.31
CA ASP A 57 -0.07 12.68 -4.00
C ASP A 57 -1.43 13.26 -3.55
N ILE A 58 -2.52 12.55 -3.83
CA ILE A 58 -3.88 13.06 -3.64
C ILE A 58 -4.26 13.03 -2.16
N ASP A 59 -4.71 14.17 -1.62
CA ASP A 59 -5.31 14.17 -0.26
C ASP A 59 -6.83 14.00 -0.33
N ALA A 60 -7.30 12.75 -0.19
CA ALA A 60 -8.67 12.41 -0.47
C ALA A 60 -9.59 12.73 0.73
N SER A 61 -9.04 13.31 1.80
CA SER A 61 -9.86 13.96 2.83
C SER A 61 -10.56 15.21 2.25
N LYS A 62 -10.11 15.70 1.10
CA LYS A 62 -10.68 16.90 0.50
C LYS A 62 -11.66 16.59 -0.66
N LEU A 63 -12.07 15.32 -0.81
CA LEU A 63 -12.94 14.86 -1.91
C LEU A 63 -14.04 13.98 -1.34
N THR A 64 -15.21 13.98 -1.99
CA THR A 64 -16.19 12.91 -1.77
C THR A 64 -16.07 11.85 -2.87
N HIS A 65 -15.69 12.28 -4.08
CA HIS A 65 -15.72 11.44 -5.30
C HIS A 65 -14.49 11.74 -6.15
N LEU A 66 -13.87 10.69 -6.69
CA LEU A 66 -12.77 10.90 -7.63
C LEU A 66 -13.20 10.32 -8.98
N ASN A 67 -13.24 11.15 -10.02
CA ASN A 67 -13.50 10.70 -11.41
C ASN A 67 -12.16 10.46 -12.11
N TYR A 68 -11.96 9.25 -12.65
CA TYR A 68 -10.74 8.91 -13.42
C TYR A 68 -10.96 9.03 -14.93
N ALA A 69 -10.17 9.89 -15.57
CA ALA A 69 -10.27 10.16 -17.01
C ALA A 69 -9.06 9.60 -17.78
N PHE A 70 -9.24 8.81 -18.85
CA PHE A 70 -10.51 8.30 -19.35
C PHE A 70 -10.41 6.81 -19.71
N ALA A 71 -11.58 6.21 -19.89
CA ALA A 71 -11.74 4.91 -20.52
C ALA A 71 -12.40 5.16 -21.88
N ASP A 72 -12.49 4.12 -22.73
CA ASP A 72 -12.86 4.32 -24.12
C ASP A 72 -13.80 3.20 -24.61
N ILE A 73 -14.31 3.37 -25.84
CA ILE A 73 -15.19 2.40 -26.46
C ILE A 73 -14.43 1.70 -27.60
N CYS A 74 -14.47 0.37 -27.62
CA CYS A 74 -13.86 -0.41 -28.69
C CYS A 74 -14.76 -0.38 -29.92
N TRP A 75 -14.13 -0.25 -31.11
CA TRP A 75 -14.87 -0.36 -32.36
C TRP A 75 -13.95 -0.87 -33.48
N ASN A 76 -14.40 -1.93 -34.16
CA ASN A 76 -13.59 -2.63 -35.20
C ASN A 76 -12.24 -3.04 -34.62
N GLY A 77 -12.23 -3.50 -33.37
CA GLY A 77 -11.03 -4.02 -32.77
C GLY A 77 -10.05 -2.94 -32.31
N LYS A 78 -10.38 -1.66 -32.47
CA LYS A 78 -9.48 -0.63 -32.00
C LYS A 78 -10.25 0.34 -31.11
N HIS A 79 -9.52 1.24 -30.44
CA HIS A 79 -10.09 2.36 -29.76
C HIS A 79 -9.20 3.58 -30.03
N GLY A 80 -9.78 4.77 -29.90
CA GLY A 80 -9.06 6.01 -30.16
C GLY A 80 -9.77 6.84 -31.22
N ASN A 81 -9.22 8.01 -31.50
CA ASN A 81 -9.79 8.85 -32.49
C ASN A 81 -8.75 9.05 -33.58
N PRO A 82 -8.95 8.44 -34.78
CA PRO A 82 -7.96 8.48 -35.86
C PRO A 82 -8.00 9.77 -36.70
N SER A 83 -8.95 10.67 -36.41
CA SER A 83 -9.05 11.85 -37.20
C SER A 83 -7.74 12.63 -37.14
N THR A 84 -7.29 13.14 -38.28
CA THR A 84 -6.07 13.94 -38.31
C THR A 84 -6.39 15.41 -38.49
N HIS A 85 -7.66 15.77 -38.28
CA HIS A 85 -8.05 17.15 -38.22
C HIS A 85 -7.31 17.83 -37.06
N PRO A 86 -6.93 19.13 -37.20
CA PRO A 86 -6.20 19.84 -36.14
C PRO A 86 -6.89 20.02 -34.78
N ASP A 87 -8.21 19.89 -34.72
CA ASP A 87 -8.93 20.00 -33.47
C ASP A 87 -8.86 18.69 -32.67
N ASN A 88 -8.25 17.62 -33.23
CA ASN A 88 -8.06 16.36 -32.50
C ASN A 88 -6.67 16.38 -31.90
N PRO A 89 -6.52 16.53 -30.57
CA PRO A 89 -5.19 16.57 -29.97
C PRO A 89 -4.46 15.23 -29.85
N ASN A 90 -5.12 14.10 -30.08
CA ASN A 90 -4.51 12.77 -29.98
C ASN A 90 -4.94 11.92 -31.20
N LYS A 91 -4.19 11.99 -32.28
CA LYS A 91 -4.53 11.27 -33.50
C LYS A 91 -3.86 9.90 -33.51
N GLN A 92 -4.40 8.98 -32.71
CA GLN A 92 -3.80 7.67 -32.58
C GLN A 92 -4.89 6.66 -32.15
N THR A 93 -4.78 5.43 -32.66
CA THR A 93 -5.62 4.36 -32.22
C THR A 93 -4.75 3.24 -31.71
N TRP A 94 -5.38 2.30 -30.98
CA TRP A 94 -4.71 1.18 -30.35
C TRP A 94 -5.59 -0.06 -30.52
N ASN A 95 -4.97 -1.24 -30.57
CA ASN A 95 -5.79 -2.43 -30.56
C ASN A 95 -6.38 -2.61 -29.16
N CYS A 96 -7.59 -3.18 -29.10
CA CYS A 96 -8.30 -3.45 -27.87
C CYS A 96 -7.82 -4.78 -27.24
N LYS A 97 -7.43 -5.74 -28.08
CA LYS A 97 -6.99 -7.05 -27.61
C LYS A 97 -5.66 -6.88 -26.84
N GLU A 98 -5.62 -7.31 -25.57
CA GLU A 98 -4.45 -7.08 -24.71
C GLU A 98 -4.22 -8.34 -23.88
N SER A 99 -3.11 -9.03 -24.18
CA SER A 99 -2.84 -10.33 -23.61
C SER A 99 -2.66 -10.24 -22.10
N GLY A 100 -2.15 -9.09 -21.62
CA GLY A 100 -1.95 -8.86 -20.19
C GLY A 100 -3.19 -8.38 -19.43
N VAL A 101 -4.36 -8.29 -20.09
CA VAL A 101 -5.56 -7.83 -19.41
C VAL A 101 -6.65 -8.89 -19.55
N PRO A 102 -6.95 -9.64 -18.47
CA PRO A 102 -7.93 -10.73 -18.57
C PRO A 102 -9.22 -10.37 -19.32
N LEU A 103 -9.81 -9.18 -19.06
CA LEU A 103 -11.12 -8.83 -19.66
C LEU A 103 -10.98 -8.59 -21.17
N GLN A 104 -9.79 -8.20 -21.60
CA GLN A 104 -9.56 -7.82 -22.99
C GLN A 104 -8.65 -8.82 -23.70
N ASN A 105 -8.41 -9.98 -23.09
CA ASN A 105 -7.61 -11.01 -23.73
C ASN A 105 -8.52 -11.86 -24.63
N LYS A 106 -9.02 -11.23 -25.70
CA LYS A 106 -9.95 -11.84 -26.68
C LYS A 106 -10.18 -10.85 -27.82
N GLU A 107 -10.84 -11.26 -28.91
CA GLU A 107 -11.36 -10.31 -29.88
C GLU A 107 -12.50 -9.57 -29.19
N VAL A 108 -12.36 -8.26 -29.04
CA VAL A 108 -13.29 -7.43 -28.28
C VAL A 108 -14.42 -6.98 -29.21
N PRO A 109 -15.71 -7.21 -28.89
CA PRO A 109 -16.80 -6.78 -29.75
C PRO A 109 -17.01 -5.26 -29.72
N ASN A 110 -17.64 -4.74 -30.77
CA ASN A 110 -18.07 -3.37 -30.90
C ASN A 110 -18.94 -2.97 -29.68
N GLY A 111 -18.68 -1.77 -29.15
CA GLY A 111 -19.45 -1.20 -28.03
C GLY A 111 -18.82 -1.47 -26.66
N THR A 112 -17.72 -2.23 -26.61
CA THR A 112 -17.12 -2.68 -25.34
C THR A 112 -16.38 -1.51 -24.65
N LEU A 113 -16.63 -1.31 -23.36
CA LEU A 113 -15.83 -0.37 -22.56
C LEU A 113 -14.45 -0.98 -22.28
N VAL A 114 -13.40 -0.22 -22.59
CA VAL A 114 -12.03 -0.67 -22.56
C VAL A 114 -11.13 0.41 -21.91
N LEU A 115 -9.98 -0.05 -21.41
CA LEU A 115 -9.02 0.80 -20.77
C LEU A 115 -8.47 1.80 -21.81
N GLY A 116 -8.33 3.06 -21.42
CA GLY A 116 -7.74 4.10 -22.28
C GLY A 116 -6.26 3.88 -22.57
N GLU A 117 -5.51 3.56 -21.51
CA GLU A 117 -4.09 3.24 -21.63
C GLU A 117 -3.74 2.15 -20.62
N PRO A 118 -3.68 0.87 -21.03
CA PRO A 118 -3.38 -0.21 -20.08
C PRO A 118 -2.10 -0.07 -19.23
N TRP A 119 -1.02 0.48 -19.77
CA TRP A 119 0.20 0.57 -18.98
C TRP A 119 -0.06 1.44 -17.74
N ALA A 120 -0.55 2.66 -17.92
CA ALA A 120 -0.83 3.57 -16.78
C ALA A 120 -1.98 3.03 -15.92
N ASP A 121 -3.01 2.45 -16.54
CA ASP A 121 -4.22 2.06 -15.82
C ASP A 121 -4.01 0.82 -14.93
N VAL A 122 -3.46 -0.27 -15.46
CA VAL A 122 -3.39 -1.53 -14.68
C VAL A 122 -2.04 -2.29 -14.79
N THR A 123 -1.07 -1.86 -15.61
CA THR A 123 0.14 -2.71 -15.79
C THR A 123 1.33 -2.18 -14.98
N LYS A 124 1.48 -0.87 -14.83
CA LYS A 124 2.66 -0.31 -14.19
C LYS A 124 2.75 -0.75 -12.72
N SER A 125 3.91 -1.25 -12.32
CA SER A 125 4.19 -1.73 -10.96
C SER A 125 4.60 -0.55 -10.09
N TYR A 126 3.98 -0.42 -8.92
CA TYR A 126 4.33 0.62 -7.96
C TYR A 126 5.08 -0.01 -6.80
N PRO A 127 6.26 0.53 -6.43
CA PRO A 127 7.02 0.00 -5.31
C PRO A 127 6.26 0.02 -3.97
N VAL A 128 6.52 -1.04 -3.18
CA VAL A 128 5.98 -1.40 -1.84
C VAL A 128 4.44 -1.54 -1.85
N SER A 129 3.88 -1.96 -3.00
CA SER A 129 2.42 -2.14 -3.07
C SER A 129 1.98 -3.57 -2.75
N GLY A 130 2.88 -4.55 -2.76
CA GLY A 130 2.51 -5.90 -2.41
C GLY A 130 2.24 -6.74 -3.64
N THR A 131 2.33 -6.14 -4.84
CA THR A 131 1.95 -6.86 -6.06
C THR A 131 3.11 -7.75 -6.54
N THR A 132 2.79 -8.99 -6.92
CA THR A 132 3.78 -9.89 -7.58
C THR A 132 3.95 -9.45 -9.03
N TRP A 133 4.90 -10.07 -9.74
CA TRP A 133 5.09 -9.82 -11.16
C TRP A 133 3.88 -10.31 -11.97
N GLU A 134 3.37 -11.50 -11.63
CA GLU A 134 2.22 -12.12 -12.30
C GLU A 134 0.98 -11.23 -12.14
N ASP A 135 0.81 -10.62 -10.97
CA ASP A 135 -0.39 -9.80 -10.67
C ASP A 135 -0.50 -8.64 -11.66
N CYS A 136 0.63 -7.95 -11.90
CA CYS A 136 0.65 -6.80 -12.81
C CYS A 136 0.82 -7.23 -14.28
N ASP A 137 1.64 -8.26 -14.51
CA ASP A 137 2.02 -8.70 -15.86
C ASP A 137 0.85 -9.37 -16.60
N LYS A 138 0.05 -10.23 -15.92
CA LYS A 138 -1.00 -10.95 -16.62
C LYS A 138 -2.38 -10.74 -15.99
N TYR A 139 -2.51 -10.10 -14.83
CA TYR A 139 -3.83 -10.02 -14.16
C TYR A 139 -4.34 -8.58 -14.00
N ALA A 140 -3.63 -7.59 -14.54
CA ALA A 140 -4.07 -6.21 -14.51
C ALA A 140 -4.46 -5.76 -13.10
N ARG A 141 -3.67 -6.13 -12.09
CA ARG A 141 -3.99 -5.77 -10.71
C ARG A 141 -3.12 -4.63 -10.22
N CYS A 142 -2.30 -4.06 -11.10
CA CYS A 142 -1.38 -2.96 -10.76
C CYS A 142 -1.85 -1.62 -11.37
N GLY A 143 -0.92 -0.70 -11.64
CA GLY A 143 -1.21 0.57 -12.28
C GLY A 143 -1.91 1.57 -11.36
N ASN A 144 -2.55 2.58 -11.95
CA ASN A 144 -3.29 3.64 -11.22
C ASN A 144 -4.48 3.03 -10.47
N PHE A 145 -5.10 1.99 -11.05
CA PHE A 145 -6.27 1.35 -10.43
C PHE A 145 -5.84 0.69 -9.11
N GLY A 146 -4.65 0.12 -9.07
CA GLY A 146 -4.11 -0.46 -7.84
C GLY A 146 -3.92 0.61 -6.76
N GLU A 147 -3.39 1.76 -7.17
CA GLU A 147 -3.16 2.88 -6.28
C GLU A 147 -4.50 3.41 -5.75
N LEU A 148 -5.57 3.41 -6.56
CA LEU A 148 -6.86 3.93 -6.11
C LEU A 148 -7.45 3.01 -5.03
N LYS A 149 -7.26 1.70 -5.17
CA LYS A 149 -7.64 0.73 -4.18
C LYS A 149 -6.96 1.02 -2.84
N ARG A 150 -5.67 1.39 -2.85
CA ARG A 150 -4.94 1.75 -1.62
C ARG A 150 -5.47 3.06 -1.05
N LEU A 151 -5.84 4.00 -1.93
CA LEU A 151 -6.30 5.35 -1.55
C LEU A 151 -7.66 5.26 -0.83
N LYS A 152 -8.60 4.47 -1.38
CA LYS A 152 -9.90 4.23 -0.76
C LYS A 152 -9.74 3.61 0.64
N ALA A 153 -8.71 2.78 0.84
CA ALA A 153 -8.46 2.13 2.15
C ALA A 153 -7.98 3.15 3.18
N LYS A 154 -7.11 4.05 2.73
CA LYS A 154 -6.54 5.12 3.53
C LYS A 154 -7.61 6.15 3.89
N TYR A 155 -8.53 6.45 2.95
CA TYR A 155 -9.62 7.43 3.15
C TYR A 155 -10.98 6.76 2.94
N PRO A 156 -11.50 6.00 3.92
CA PRO A 156 -12.58 5.03 3.66
C PRO A 156 -13.97 5.58 3.27
N HIS A 157 -14.09 6.89 3.14
CA HIS A 157 -15.34 7.47 2.66
C HIS A 157 -15.34 7.62 1.13
N LEU A 158 -14.17 7.54 0.51
CA LEU A 158 -13.95 7.94 -0.88
C LEU A 158 -14.63 6.99 -1.86
N LYS A 159 -15.34 7.55 -2.85
CA LYS A 159 -15.99 6.76 -3.89
C LYS A 159 -15.27 7.04 -5.22
N THR A 160 -14.98 6.00 -6.01
CA THR A 160 -14.24 6.16 -7.29
C THR A 160 -15.16 5.92 -8.50
N ILE A 161 -14.99 6.77 -9.51
CA ILE A 161 -15.78 6.70 -10.74
C ILE A 161 -14.83 6.68 -11.94
N ILE A 162 -15.19 5.89 -12.94
CA ILE A 162 -14.45 5.83 -14.21
C ILE A 162 -15.21 6.70 -15.22
N SER A 163 -14.56 7.76 -15.70
CA SER A 163 -15.12 8.64 -16.68
C SER A 163 -14.81 8.08 -18.09
N VAL A 164 -15.77 8.22 -19.01
CA VAL A 164 -15.65 7.62 -20.35
C VAL A 164 -15.76 8.73 -21.40
N GLY A 165 -15.08 8.57 -22.52
CA GLY A 165 -15.14 9.53 -23.62
C GLY A 165 -14.29 10.78 -23.38
N GLY A 166 -14.97 11.94 -23.31
CA GLY A 166 -14.29 13.23 -23.23
C GLY A 166 -14.22 13.86 -24.61
N TRP A 167 -13.48 14.96 -24.75
CA TRP A 167 -13.43 15.68 -26.03
C TRP A 167 -12.80 14.83 -27.13
N THR A 168 -11.66 14.17 -26.83
CA THR A 168 -10.90 13.36 -27.81
C THR A 168 -11.56 12.01 -28.11
N TRP A 169 -12.15 11.34 -27.12
CA TRP A 169 -12.67 9.94 -27.31
C TRP A 169 -14.21 9.86 -27.34
N SER A 170 -14.88 10.85 -27.93
CA SER A 170 -16.35 10.80 -28.06
C SER A 170 -16.79 10.41 -29.48
N ASN A 171 -15.85 9.93 -30.31
CA ASN A 171 -16.13 9.70 -31.73
C ASN A 171 -17.08 8.50 -31.91
N ARG A 172 -17.25 7.62 -30.91
CA ARG A 172 -17.96 6.38 -31.17
C ARG A 172 -19.24 6.25 -30.35
N PHE A 173 -19.53 7.20 -29.48
CA PHE A 173 -20.74 7.09 -28.66
C PHE A 173 -22.00 6.98 -29.53
N SER A 174 -22.10 7.80 -30.59
CA SER A 174 -23.26 7.79 -31.45
C SER A 174 -23.46 6.42 -32.10
N ASP A 175 -22.39 5.82 -32.57
CA ASP A 175 -22.45 4.52 -33.24
C ASP A 175 -22.92 3.47 -32.22
N MET A 176 -22.43 3.54 -30.99
CA MET A 176 -22.72 2.54 -29.95
C MET A 176 -24.16 2.69 -29.45
N ALA A 177 -24.67 3.91 -29.42
CA ALA A 177 -25.96 4.19 -28.85
C ALA A 177 -27.08 3.97 -29.88
N ALA A 178 -26.74 3.84 -31.17
CA ALA A 178 -27.74 3.79 -32.24
C ALA A 178 -28.40 2.41 -32.35
N ASP A 179 -27.77 1.37 -31.79
CA ASP A 179 -28.20 -0.02 -31.95
C ASP A 179 -28.43 -0.66 -30.57
N GLU A 180 -29.58 -1.31 -30.37
CA GLU A 180 -29.92 -1.99 -29.11
C GLU A 180 -28.79 -2.95 -28.69
N LYS A 181 -28.17 -3.66 -29.65
CA LYS A 181 -27.21 -4.74 -29.39
C LYS A 181 -25.91 -4.12 -28.84
N THR A 182 -25.45 -2.98 -29.38
CA THR A 182 -24.21 -2.35 -28.88
C THR A 182 -24.45 -1.59 -27.56
N ARG A 183 -25.68 -1.14 -27.30
CA ARG A 183 -25.99 -0.54 -26.01
C ARG A 183 -25.89 -1.61 -24.92
N LYS A 184 -26.42 -2.82 -25.20
CA LYS A 184 -26.37 -3.91 -24.24
C LYS A 184 -24.89 -4.30 -24.00
N VAL A 185 -24.12 -4.45 -25.07
CA VAL A 185 -22.75 -4.88 -24.91
C VAL A 185 -22.02 -3.90 -24.00
N PHE A 186 -22.17 -2.61 -24.28
CA PHE A 186 -21.60 -1.54 -23.50
C PHE A 186 -22.04 -1.62 -22.04
N ALA A 187 -23.34 -1.70 -21.78
CA ALA A 187 -23.81 -1.75 -20.38
C ALA A 187 -23.21 -2.95 -19.63
N GLU A 188 -23.14 -4.13 -20.28
CA GLU A 188 -22.63 -5.34 -19.62
C GLU A 188 -21.14 -5.19 -19.36
N SER A 189 -20.39 -4.62 -20.31
CA SER A 189 -18.98 -4.44 -20.16
C SER A 189 -18.70 -3.45 -19.02
N THR A 190 -19.59 -2.48 -18.83
CA THR A 190 -19.41 -1.46 -17.82
C THR A 190 -19.47 -2.14 -16.44
N VAL A 191 -20.46 -3.00 -16.22
CA VAL A 191 -20.63 -3.72 -14.96
C VAL A 191 -19.40 -4.58 -14.68
N ALA A 192 -18.85 -5.24 -15.71
CA ALA A 192 -17.69 -6.12 -15.55
C ALA A 192 -16.44 -5.31 -15.22
N PHE A 193 -16.30 -4.14 -15.87
CA PHE A 193 -15.21 -3.21 -15.62
C PHE A 193 -15.26 -2.76 -14.16
N LEU A 194 -16.42 -2.32 -13.68
CA LEU A 194 -16.50 -1.83 -12.32
C LEU A 194 -16.08 -2.92 -11.33
N ARG A 195 -16.60 -4.14 -11.52
CA ARG A 195 -16.33 -5.25 -10.60
C ARG A 195 -14.82 -5.58 -10.61
N ALA A 196 -14.24 -5.62 -11.80
CA ALA A 196 -12.88 -6.08 -11.95
C ALA A 196 -11.89 -5.08 -11.31
N TYR A 197 -12.09 -3.77 -11.47
CA TYR A 197 -11.03 -2.81 -11.17
C TYR A 197 -11.42 -1.94 -9.97
N GLY A 198 -12.54 -2.25 -9.31
CA GLY A 198 -12.89 -1.68 -7.98
C GLY A 198 -13.47 -0.26 -8.03
N PHE A 199 -14.17 0.10 -9.10
CA PHE A 199 -14.84 1.41 -9.15
C PHE A 199 -16.25 1.30 -8.58
N ASP A 200 -16.79 2.45 -8.16
CA ASP A 200 -18.08 2.56 -7.50
C ASP A 200 -19.14 3.09 -8.49
N GLY A 201 -18.74 3.44 -9.73
CA GLY A 201 -19.69 3.89 -10.73
C GLY A 201 -19.02 4.30 -12.02
N VAL A 202 -19.84 4.80 -12.94
CA VAL A 202 -19.40 5.24 -14.27
C VAL A 202 -19.94 6.66 -14.56
N ASP A 203 -19.11 7.46 -15.24
CA ASP A 203 -19.42 8.84 -15.64
C ASP A 203 -19.34 8.92 -17.16
N LEU A 204 -20.40 9.38 -17.80
CA LEU A 204 -20.40 9.47 -19.26
C LEU A 204 -20.13 10.91 -19.68
N ASP A 205 -19.07 11.13 -20.45
CA ASP A 205 -18.67 12.45 -20.91
C ASP A 205 -18.72 12.45 -22.43
N TRP A 206 -19.94 12.46 -22.97
CA TRP A 206 -20.18 12.45 -24.41
C TRP A 206 -20.19 13.90 -24.90
N GLU A 207 -19.12 14.31 -25.59
CA GLU A 207 -19.01 15.65 -26.13
C GLU A 207 -19.05 15.58 -27.65
N TYR A 208 -20.22 15.70 -28.29
CA TYR A 208 -21.51 16.03 -27.71
C TYR A 208 -22.61 15.44 -28.56
N PRO A 209 -23.67 14.88 -27.96
CA PRO A 209 -24.76 14.30 -28.74
C PRO A 209 -25.30 15.19 -29.86
N GLY A 210 -25.42 14.61 -31.06
CA GLY A 210 -26.09 15.20 -32.18
C GLY A 210 -25.36 16.39 -32.78
N VAL A 211 -24.12 16.69 -32.35
CA VAL A 211 -23.37 17.81 -32.96
C VAL A 211 -21.96 17.33 -33.35
N GLU A 212 -21.40 17.91 -34.40
CA GLU A 212 -20.08 17.59 -34.87
C GLU A 212 -19.08 18.39 -34.07
N THR A 213 -18.14 17.72 -33.38
CA THR A 213 -17.10 18.42 -32.61
C THR A 213 -15.77 18.34 -33.38
N ILE A 214 -15.35 17.12 -33.70
CA ILE A 214 -14.17 16.84 -34.48
C ILE A 214 -14.60 16.13 -35.76
N PRO A 215 -14.35 16.72 -36.96
CA PRO A 215 -14.72 16.07 -38.23
C PRO A 215 -14.18 14.65 -38.30
N GLY A 216 -15.06 13.71 -38.66
CA GLY A 216 -14.77 12.29 -38.76
C GLY A 216 -15.47 11.50 -37.69
N GLY A 217 -15.86 12.22 -36.63
CA GLY A 217 -16.60 11.63 -35.52
C GLY A 217 -18.07 11.46 -35.84
N SER A 218 -18.67 10.43 -35.25
CA SER A 218 -20.05 10.12 -35.51
C SER A 218 -20.95 11.00 -34.65
N TYR A 219 -22.11 11.36 -35.19
CA TYR A 219 -23.15 12.09 -34.52
C TYR A 219 -24.42 12.01 -35.35
N ARG A 220 -25.58 11.87 -34.71
CA ARG A 220 -26.88 11.82 -35.41
C ARG A 220 -27.91 12.60 -34.59
N PRO A 221 -28.97 13.16 -35.23
CA PRO A 221 -30.10 13.77 -34.52
C PRO A 221 -30.78 12.83 -33.52
N GLU A 222 -30.86 11.53 -33.85
CA GLU A 222 -31.47 10.54 -32.92
C GLU A 222 -30.61 10.33 -31.66
N ASP A 223 -29.42 10.96 -31.61
CA ASP A 223 -28.60 10.89 -30.40
C ASP A 223 -29.43 11.33 -29.19
N LYS A 224 -30.45 12.16 -29.44
CA LYS A 224 -31.30 12.70 -28.38
C LYS A 224 -32.12 11.60 -27.70
N GLN A 225 -32.76 10.75 -28.50
CA GLN A 225 -33.52 9.66 -27.93
C GLN A 225 -32.53 8.57 -27.49
N ASN A 226 -31.42 8.41 -28.23
CA ASN A 226 -30.50 7.28 -28.00
C ASN A 226 -29.63 7.47 -26.74
N PHE A 227 -29.32 8.72 -26.36
CA PHE A 227 -28.60 8.99 -25.11
C PHE A 227 -29.42 8.55 -23.90
N THR A 228 -30.72 8.85 -23.90
CA THR A 228 -31.62 8.38 -22.86
C THR A 228 -31.66 6.85 -22.83
N LEU A 229 -31.79 6.20 -23.99
CA LEU A 229 -31.87 4.72 -24.01
C LEU A 229 -30.59 4.11 -23.42
N LEU A 230 -29.43 4.73 -23.70
CA LEU A 230 -28.14 4.20 -23.20
C LEU A 230 -28.07 4.28 -21.67
N LEU A 231 -28.51 5.40 -21.10
CA LEU A 231 -28.48 5.61 -19.69
C LEU A 231 -29.50 4.70 -19.00
N GLN A 232 -30.65 4.42 -19.63
CA GLN A 232 -31.59 3.46 -19.09
C GLN A 232 -30.96 2.06 -19.14
N ASP A 233 -30.29 1.73 -20.24
CA ASP A 233 -29.68 0.40 -20.39
C ASP A 233 -28.54 0.23 -19.38
N VAL A 234 -27.76 1.29 -19.12
CA VAL A 234 -26.68 1.20 -18.17
C VAL A 234 -27.25 1.10 -16.74
N ARG A 235 -28.19 1.98 -16.42
CA ARG A 235 -28.80 1.99 -15.12
C ARG A 235 -29.41 0.61 -14.78
N ASN A 236 -30.16 0.02 -15.71
CA ASN A 236 -30.80 -1.30 -15.45
C ASN A 236 -29.73 -2.33 -15.12
N ALA A 237 -28.66 -2.36 -15.91
CA ALA A 237 -27.54 -3.27 -15.72
C ALA A 237 -26.91 -3.07 -14.34
N LEU A 238 -26.74 -1.79 -13.93
CA LEU A 238 -26.12 -1.44 -12.64
C LEU A 238 -27.05 -1.84 -11.48
N ASN A 239 -28.37 -1.74 -11.68
CA ASN A 239 -29.32 -2.12 -10.64
C ASN A 239 -29.30 -3.63 -10.45
N LYS A 240 -29.28 -4.39 -11.55
CA LYS A 240 -29.21 -5.86 -11.52
C LYS A 240 -27.97 -6.27 -10.70
N ALA A 241 -26.82 -5.70 -11.05
CA ALA A 241 -25.53 -6.09 -10.49
C ALA A 241 -25.38 -5.60 -9.05
N GLY A 242 -25.98 -4.45 -8.72
CA GLY A 242 -25.98 -3.93 -7.36
C GLY A 242 -26.77 -4.80 -6.39
N ALA A 243 -27.84 -5.43 -6.89
CA ALA A 243 -28.59 -6.42 -6.13
C ALA A 243 -27.77 -7.71 -5.94
N GLU A 244 -27.05 -8.16 -6.98
CA GLU A 244 -26.22 -9.35 -6.86
C GLU A 244 -25.09 -9.11 -5.85
N ASP A 245 -24.49 -7.91 -5.92
CA ASP A 245 -23.22 -7.56 -5.27
C ASP A 245 -23.42 -6.96 -3.87
N GLY A 246 -24.56 -6.33 -3.58
CA GLY A 246 -24.80 -5.61 -2.33
C GLY A 246 -24.18 -4.22 -2.38
N LYS A 247 -24.04 -3.66 -3.58
CA LYS A 247 -23.51 -2.33 -3.74
C LYS A 247 -24.61 -1.42 -4.32
N GLN A 248 -24.52 -0.11 -4.12
CA GLN A 248 -25.34 0.87 -4.85
C GLN A 248 -24.39 1.62 -5.80
N TYR A 249 -24.37 1.19 -7.06
CA TYR A 249 -23.48 1.77 -8.05
C TYR A 249 -24.02 3.12 -8.53
N LEU A 250 -23.12 4.06 -8.87
CA LEU A 250 -23.49 5.41 -9.29
C LEU A 250 -23.41 5.54 -10.82
N LEU A 251 -24.32 6.36 -11.39
CA LEU A 251 -24.24 6.78 -12.78
C LEU A 251 -24.30 8.30 -12.85
N THR A 252 -23.36 8.93 -13.56
CA THR A 252 -23.34 10.37 -13.79
C THR A 252 -23.00 10.68 -15.24
N ILE A 253 -23.12 11.96 -15.62
CA ILE A 253 -22.62 12.46 -16.89
C ILE A 253 -21.90 13.80 -16.68
N ALA A 254 -21.10 14.17 -17.66
CA ALA A 254 -20.61 15.54 -17.79
C ALA A 254 -21.29 16.14 -19.01
N SER A 255 -21.99 17.26 -18.80
CA SER A 255 -22.84 17.79 -19.87
C SER A 255 -22.40 19.21 -20.29
N GLY A 256 -22.96 19.67 -21.42
CA GLY A 256 -22.60 20.95 -22.05
C GLY A 256 -23.43 22.07 -21.46
N ALA A 257 -22.80 23.20 -21.13
CA ALA A 257 -23.46 24.33 -20.46
C ALA A 257 -23.97 25.32 -21.49
N SER A 258 -24.99 24.93 -22.24
CA SER A 258 -25.51 25.72 -23.33
C SER A 258 -26.92 25.25 -23.66
N GLN A 259 -27.71 26.17 -24.25
CA GLN A 259 -29.05 25.88 -24.82
C GLN A 259 -28.95 24.83 -25.94
N ARG A 260 -27.87 24.88 -26.73
CA ARG A 260 -27.61 23.95 -27.82
C ARG A 260 -27.55 22.51 -27.31
N TYR A 261 -26.79 22.26 -26.23
CA TYR A 261 -26.71 20.94 -25.60
C TYR A 261 -28.11 20.49 -25.17
N ALA A 262 -28.86 21.40 -24.54
CA ALA A 262 -30.23 21.15 -24.07
C ALA A 262 -31.13 20.76 -25.24
N ASP A 263 -30.97 21.46 -26.37
CA ASP A 263 -31.77 21.24 -27.56
C ASP A 263 -31.48 19.87 -28.19
N HIS A 264 -30.31 19.26 -27.91
CA HIS A 264 -29.93 18.01 -28.57
C HIS A 264 -30.03 16.81 -27.63
N THR A 265 -30.61 17.03 -26.44
CA THR A 265 -30.70 15.97 -25.40
C THR A 265 -32.05 16.11 -24.68
N GLU A 266 -32.46 15.05 -23.97
CA GLU A 266 -33.66 15.11 -23.12
C GLU A 266 -33.19 15.22 -21.67
N LEU A 267 -32.80 16.43 -21.27
CA LEU A 267 -32.22 16.69 -19.96
C LEU A 267 -33.19 16.34 -18.81
N LYS A 268 -34.44 16.76 -18.92
CA LYS A 268 -35.40 16.56 -17.85
C LYS A 268 -35.53 15.06 -17.54
N LYS A 269 -35.67 14.24 -18.59
CA LYS A 269 -35.77 12.79 -18.46
C LYS A 269 -34.50 12.21 -17.81
N ILE A 270 -33.32 12.65 -18.28
CA ILE A 270 -32.08 12.01 -17.85
C ILE A 270 -31.74 12.42 -16.42
N SER A 271 -32.10 13.65 -16.03
CA SER A 271 -31.95 14.07 -14.62
C SER A 271 -32.61 13.07 -13.66
N GLN A 272 -33.68 12.39 -14.10
CA GLN A 272 -34.41 11.44 -13.25
C GLN A 272 -33.80 10.03 -13.28
N ILE A 273 -32.95 9.74 -14.26
CA ILE A 273 -32.32 8.44 -14.37
C ILE A 273 -31.00 8.41 -13.59
N LEU A 274 -30.26 9.52 -13.59
CA LEU A 274 -28.88 9.64 -13.10
C LEU A 274 -28.87 9.86 -11.58
N ASP A 275 -27.67 9.73 -10.98
CA ASP A 275 -27.42 10.20 -9.62
C ASP A 275 -27.21 11.71 -9.61
N TRP A 276 -26.45 12.25 -10.57
CA TRP A 276 -26.37 13.70 -10.73
C TRP A 276 -25.73 14.05 -12.07
N ILE A 277 -25.65 15.34 -12.37
CA ILE A 277 -25.09 15.81 -13.62
C ILE A 277 -23.93 16.77 -13.32
N ASN A 278 -22.75 16.46 -13.84
CA ASN A 278 -21.59 17.34 -13.76
C ASN A 278 -21.63 18.32 -14.95
N ILE A 279 -22.20 19.50 -14.73
CA ILE A 279 -22.33 20.50 -15.80
C ILE A 279 -20.99 21.21 -16.00
N MET A 280 -20.45 21.21 -17.21
CA MET A 280 -19.13 21.81 -17.51
C MET A 280 -19.29 23.32 -17.71
N THR A 281 -19.46 24.08 -16.62
CA THR A 281 -19.61 25.52 -16.67
C THR A 281 -18.23 26.18 -16.65
N TYR A 282 -17.45 25.87 -17.71
CA TYR A 282 -16.11 26.38 -17.98
C TYR A 282 -15.89 26.18 -19.49
N ASP A 283 -14.80 26.75 -20.02
CA ASP A 283 -14.53 26.77 -21.48
C ASP A 283 -15.64 27.49 -22.27
N PHE A 284 -16.27 28.48 -21.63
CA PHE A 284 -17.23 29.35 -22.31
C PHE A 284 -16.55 30.17 -23.41
N HIS A 285 -15.26 30.50 -23.21
CA HIS A 285 -14.47 31.32 -24.15
C HIS A 285 -12.99 30.99 -23.99
N GLY A 286 -12.27 31.05 -25.11
CA GLY A 286 -10.85 30.79 -25.17
C GLY A 286 -10.25 31.07 -26.54
N GLY A 287 -9.10 30.44 -26.81
CA GLY A 287 -8.23 30.82 -27.93
C GLY A 287 -8.71 30.32 -29.30
N TRP A 288 -9.96 29.84 -29.37
CA TRP A 288 -10.61 29.50 -30.63
C TRP A 288 -11.43 30.70 -31.13
N GLU A 289 -11.52 31.78 -30.33
CA GLU A 289 -12.26 32.98 -30.70
C GLU A 289 -11.29 34.15 -30.84
N ALA A 290 -11.73 35.18 -31.58
CA ALA A 290 -10.88 36.34 -31.88
C ALA A 290 -11.18 37.53 -30.95
N THR A 291 -12.10 37.38 -29.98
CA THR A 291 -12.31 38.41 -28.93
C THR A 291 -11.87 37.84 -27.59
N SER A 292 -11.33 38.69 -26.71
CA SER A 292 -10.92 38.23 -25.39
C SER A 292 -12.18 38.13 -24.54
N ASN A 293 -12.18 37.17 -23.62
CA ASN A 293 -13.37 36.88 -22.81
C ASN A 293 -13.01 36.01 -21.59
N HIS A 294 -14.02 35.65 -20.79
CA HIS A 294 -13.79 34.89 -19.56
C HIS A 294 -14.14 33.40 -19.76
N ASN A 295 -13.24 32.52 -19.32
CA ASN A 295 -13.41 31.07 -19.42
C ASN A 295 -14.60 30.62 -18.56
N ALA A 296 -14.71 31.15 -17.34
CA ALA A 296 -15.80 30.75 -16.43
C ALA A 296 -16.32 31.94 -15.63
N ALA A 297 -17.00 32.89 -16.30
CA ALA A 297 -17.65 34.04 -15.62
C ALA A 297 -18.87 33.54 -14.83
N LEU A 298 -19.13 34.11 -13.64
CA LEU A 298 -20.22 33.64 -12.82
C LEU A 298 -21.53 34.32 -13.21
N TYR A 299 -21.52 35.66 -13.31
CA TYR A 299 -22.78 36.41 -13.57
C TYR A 299 -22.69 37.13 -14.91
N LYS A 300 -23.85 37.55 -15.40
CA LYS A 300 -23.96 38.25 -16.67
C LYS A 300 -23.25 39.61 -16.57
N ASP A 301 -22.33 39.86 -17.50
CA ASP A 301 -21.76 41.18 -17.67
C ASP A 301 -22.25 41.76 -19.00
N PRO A 302 -23.17 42.76 -18.98
CA PRO A 302 -23.76 43.29 -20.21
C PRO A 302 -22.73 43.95 -21.13
N ASN A 303 -21.56 44.30 -20.58
CA ASN A 303 -20.49 44.95 -21.37
C ASN A 303 -19.76 43.93 -22.24
N ASP A 304 -19.95 42.65 -21.96
CA ASP A 304 -19.42 41.56 -22.77
C ASP A 304 -20.20 41.44 -24.08
N PRO A 305 -19.53 41.58 -25.27
CA PRO A 305 -20.22 41.46 -26.55
C PRO A 305 -21.07 40.20 -26.68
N ALA A 306 -20.64 39.12 -26.01
CA ALA A 306 -21.31 37.81 -26.14
C ALA A 306 -22.31 37.55 -24.99
N ALA A 307 -22.69 38.57 -24.25
CA ALA A 307 -23.53 38.38 -23.05
C ALA A 307 -24.82 37.64 -23.38
N ASN A 308 -25.33 37.86 -24.60
CA ASN A 308 -26.65 37.39 -24.99
C ASN A 308 -26.61 35.92 -25.46
N THR A 309 -25.45 35.25 -25.37
CA THR A 309 -25.36 33.80 -25.68
C THR A 309 -25.48 32.96 -24.40
N ASN A 310 -25.45 33.63 -23.24
CA ASN A 310 -25.62 33.02 -21.94
C ASN A 310 -24.41 32.13 -21.62
N PHE A 311 -23.23 32.45 -22.14
CA PHE A 311 -22.02 31.66 -21.93
C PHE A 311 -21.31 32.16 -20.66
N TYR A 312 -21.98 31.92 -19.54
CA TYR A 312 -21.52 32.21 -18.17
C TYR A 312 -22.36 31.34 -17.22
N VAL A 313 -21.91 31.19 -15.99
CA VAL A 313 -22.42 30.15 -15.09
C VAL A 313 -23.93 30.31 -14.85
N ASP A 314 -24.38 31.50 -14.45
CA ASP A 314 -25.78 31.69 -14.06
C ASP A 314 -26.71 31.51 -15.27
N GLY A 315 -26.25 31.95 -16.46
CA GLY A 315 -26.97 31.73 -17.72
C GLY A 315 -27.22 30.26 -17.96
N ALA A 316 -26.19 29.44 -17.76
CA ALA A 316 -26.27 28.04 -18.06
C ALA A 316 -27.17 27.32 -17.05
N ILE A 317 -27.12 27.73 -15.79
CA ILE A 317 -28.00 27.12 -14.82
C ILE A 317 -29.46 27.46 -15.17
N ASN A 318 -29.74 28.70 -15.60
CA ASN A 318 -31.10 29.12 -16.03
C ASN A 318 -31.57 28.28 -17.25
N VAL A 319 -30.67 27.99 -18.18
CA VAL A 319 -31.01 27.11 -19.29
C VAL A 319 -31.48 25.75 -18.73
N TYR A 320 -30.77 25.21 -17.73
CA TYR A 320 -31.04 23.84 -17.24
C TYR A 320 -32.36 23.79 -16.45
N THR A 321 -32.59 24.78 -15.59
CA THR A 321 -33.79 24.79 -14.72
C THR A 321 -35.04 25.00 -15.58
N ASN A 322 -34.93 25.84 -16.61
CA ASN A 322 -36.02 26.12 -17.53
C ASN A 322 -36.40 24.85 -18.31
N GLU A 323 -35.45 23.91 -18.55
CA GLU A 323 -35.72 22.62 -19.20
C GLU A 323 -36.39 21.63 -18.23
N GLY A 324 -36.45 21.96 -16.93
CA GLY A 324 -37.08 21.11 -15.93
C GLY A 324 -36.09 20.37 -15.02
N VAL A 325 -34.80 20.68 -15.11
CA VAL A 325 -33.83 19.96 -14.33
C VAL A 325 -33.87 20.46 -12.89
N PRO A 326 -34.08 19.58 -11.87
CA PRO A 326 -34.05 20.00 -10.48
C PRO A 326 -32.62 20.42 -10.14
N VAL A 327 -32.53 21.50 -9.39
CA VAL A 327 -31.28 22.18 -9.10
C VAL A 327 -30.44 21.32 -8.13
N ASP A 328 -31.07 20.37 -7.41
CA ASP A 328 -30.32 19.46 -6.52
C ASP A 328 -29.62 18.34 -7.30
N LYS A 329 -29.88 18.22 -8.60
CA LYS A 329 -29.27 17.19 -9.45
C LYS A 329 -28.00 17.73 -10.15
N LEU A 330 -27.72 19.01 -9.99
CA LEU A 330 -26.60 19.63 -10.63
C LEU A 330 -25.40 19.77 -9.68
N VAL A 331 -24.22 19.38 -10.17
CA VAL A 331 -23.02 19.64 -9.47
C VAL A 331 -22.26 20.65 -10.33
N LEU A 332 -21.81 21.76 -9.74
CA LEU A 332 -21.29 22.85 -10.54
C LEU A 332 -19.83 22.56 -10.93
N GLY A 333 -19.50 22.66 -12.21
CA GLY A 333 -18.11 22.50 -12.66
C GLY A 333 -17.32 23.79 -12.47
N VAL A 334 -16.09 23.69 -11.99
CA VAL A 334 -15.20 24.82 -11.87
C VAL A 334 -13.83 24.43 -12.40
N PRO A 335 -13.08 25.39 -12.99
CA PRO A 335 -11.77 25.11 -13.54
C PRO A 335 -10.58 25.42 -12.61
N PHE A 336 -9.56 24.56 -12.63
CA PHE A 336 -8.30 24.75 -11.89
C PHE A 336 -7.21 25.18 -12.88
N TYR A 337 -7.64 25.83 -13.96
CA TYR A 337 -6.78 26.29 -15.04
C TYR A 337 -7.31 27.64 -15.57
N GLY A 338 -6.52 28.28 -16.45
CA GLY A 338 -6.88 29.51 -17.12
C GLY A 338 -6.63 29.39 -18.60
N ARG A 339 -7.11 30.38 -19.37
CA ARG A 339 -6.97 30.36 -20.83
C ARG A 339 -6.42 31.71 -21.28
N GLY A 340 -5.57 31.68 -22.32
CA GLY A 340 -4.78 32.86 -22.74
C GLY A 340 -4.75 33.05 -24.25
N TRP A 341 -4.77 34.33 -24.65
CA TRP A 341 -4.59 34.75 -26.03
C TRP A 341 -3.21 35.39 -26.10
N LYS A 342 -2.49 35.29 -27.24
CA LYS A 342 -1.11 35.79 -27.29
C LYS A 342 -1.05 37.28 -27.64
N SER A 343 -1.88 37.78 -28.56
CA SER A 343 -1.85 39.19 -28.95
C SER A 343 -3.26 39.78 -28.98
N CYS A 344 -3.49 40.76 -28.10
CA CYS A 344 -4.81 41.19 -27.80
C CYS A 344 -4.80 42.70 -27.46
N GLY A 345 -5.84 43.43 -27.88
CA GLY A 345 -5.86 44.91 -27.89
C GLY A 345 -5.86 45.53 -26.50
N LYS A 346 -5.43 46.79 -26.40
CA LYS A 346 -4.99 47.43 -25.17
C LYS A 346 -6.16 48.12 -24.43
N GLU A 347 -7.26 48.44 -25.12
CA GLU A 347 -8.40 49.17 -24.49
C GLU A 347 -9.08 48.25 -23.45
N ASN A 348 -9.59 48.84 -22.36
CA ASN A 348 -10.32 48.17 -21.28
C ASN A 348 -9.41 47.14 -20.59
N ASN A 349 -8.10 47.46 -20.51
CA ASN A 349 -7.09 46.61 -19.90
C ASN A 349 -7.12 45.22 -20.54
N GLY A 350 -7.31 45.17 -21.87
CA GLY A 350 -7.34 43.90 -22.61
C GLY A 350 -8.71 43.22 -22.67
N GLN A 351 -9.69 43.66 -21.89
CA GLN A 351 -10.97 42.94 -21.75
C GLN A 351 -11.88 43.20 -22.95
N TYR A 352 -12.45 42.14 -23.52
CA TYR A 352 -13.45 42.19 -24.59
C TYR A 352 -12.90 42.89 -25.83
N GLN A 353 -11.63 42.61 -26.14
CA GLN A 353 -10.95 43.25 -27.25
C GLN A 353 -10.63 42.24 -28.36
N PRO A 354 -10.39 42.72 -29.61
CA PRO A 354 -9.97 41.87 -30.72
C PRO A 354 -8.57 41.27 -30.51
N CYS A 355 -8.35 40.01 -30.94
CA CYS A 355 -7.05 39.33 -30.83
C CYS A 355 -6.53 38.93 -32.22
N LYS A 356 -5.21 39.00 -32.43
CA LYS A 356 -4.57 38.69 -33.71
C LYS A 356 -3.74 37.41 -33.54
N PRO A 357 -3.61 36.56 -34.59
CA PRO A 357 -2.82 35.34 -34.50
C PRO A 357 -1.32 35.63 -34.46
N GLY A 358 -0.52 34.64 -34.05
CA GLY A 358 0.94 34.77 -34.04
C GLY A 358 1.57 34.30 -35.35
N SER A 359 2.91 34.24 -35.35
CA SER A 359 3.69 33.77 -36.49
C SER A 359 3.22 32.36 -36.90
N ASP A 360 2.80 31.55 -35.92
CA ASP A 360 2.34 30.15 -36.10
C ASP A 360 0.89 30.04 -36.61
N GLY A 361 0.18 31.18 -36.72
CA GLY A 361 -1.18 31.19 -37.22
C GLY A 361 -2.25 30.95 -36.15
N LYS A 362 -1.87 30.74 -34.89
CA LYS A 362 -2.86 30.43 -33.83
C LYS A 362 -3.01 31.65 -32.92
N LEU A 363 -4.20 31.78 -32.32
CA LEU A 363 -4.54 32.92 -31.45
C LEU A 363 -4.10 32.67 -30.01
N ALA A 364 -3.99 31.39 -29.64
CA ALA A 364 -3.77 31.00 -28.26
C ALA A 364 -2.29 31.18 -27.88
N SER A 365 -2.05 31.52 -26.61
CA SER A 365 -0.71 31.71 -26.10
C SER A 365 -0.09 30.35 -25.74
N LYS A 366 1.21 30.37 -25.40
CA LYS A 366 2.00 29.18 -25.04
C LYS A 366 1.69 28.86 -23.57
N GLY A 367 0.91 27.81 -23.34
CA GLY A 367 0.50 27.41 -21.99
C GLY A 367 1.57 26.56 -21.30
N THR A 368 1.26 26.22 -20.04
CA THR A 368 2.17 25.56 -19.13
C THR A 368 2.82 24.32 -19.76
N TRP A 369 2.02 23.42 -20.35
CA TRP A 369 2.55 22.13 -20.73
C TRP A 369 2.84 22.06 -22.23
N ASP A 370 2.73 23.19 -22.93
CA ASP A 370 2.87 23.26 -24.37
C ASP A 370 4.33 23.10 -24.74
N ASP A 371 4.58 22.48 -25.89
CA ASP A 371 5.93 22.16 -26.39
C ASP A 371 5.87 22.05 -27.92
N TYR A 372 7.00 21.72 -28.54
CA TYR A 372 7.11 21.60 -30.00
C TYR A 372 6.03 20.69 -30.59
N SER A 373 5.63 19.61 -29.91
CA SER A 373 4.64 18.67 -30.46
C SER A 373 3.21 19.17 -30.26
N THR A 374 2.91 19.89 -29.18
CA THR A 374 1.53 20.32 -28.92
C THR A 374 1.13 21.58 -29.69
N GLY A 375 2.08 22.48 -29.99
CA GLY A 375 1.73 23.83 -30.47
C GLY A 375 1.10 24.63 -29.34
N ASP A 376 0.48 25.76 -29.65
CA ASP A 376 -0.02 26.60 -28.56
C ASP A 376 -1.49 26.29 -28.29
N THR A 377 -1.80 25.99 -27.02
CA THR A 377 -3.14 25.63 -26.60
C THR A 377 -3.75 26.67 -25.66
N GLY A 378 -2.93 27.55 -25.09
CA GLY A 378 -3.42 28.66 -24.27
C GLY A 378 -3.93 28.21 -22.90
N VAL A 379 -3.51 27.03 -22.46
CA VAL A 379 -4.01 26.46 -21.21
C VAL A 379 -2.91 26.54 -20.14
N TYR A 380 -3.24 27.15 -19.00
CA TYR A 380 -2.33 27.32 -17.88
C TYR A 380 -2.89 26.60 -16.65
N ASP A 381 -2.07 25.79 -15.97
CA ASP A 381 -2.42 25.31 -14.63
C ASP A 381 -2.53 26.55 -13.72
N TYR A 382 -3.42 26.52 -12.72
CA TYR A 382 -3.52 27.64 -11.76
C TYR A 382 -2.18 27.84 -11.04
N GLY A 383 -1.56 26.73 -10.61
CA GLY A 383 -0.24 26.76 -10.01
C GLY A 383 0.76 27.61 -10.79
N ASP A 384 0.87 27.33 -12.09
CA ASP A 384 1.79 28.05 -12.96
C ASP A 384 1.45 29.55 -12.92
N LEU A 385 0.16 29.91 -12.93
CA LEU A 385 -0.25 31.29 -12.96
C LEU A 385 0.18 31.98 -11.67
N ALA A 386 -0.11 31.33 -10.54
CA ALA A 386 0.09 31.94 -9.21
C ALA A 386 1.58 32.12 -8.90
N ALA A 387 2.40 31.17 -9.36
CA ALA A 387 3.84 31.20 -9.13
C ALA A 387 4.54 32.12 -10.14
N ASN A 388 4.02 32.26 -11.36
CA ASN A 388 4.77 32.93 -12.40
C ASN A 388 4.02 34.04 -13.14
N TYR A 389 2.69 34.21 -12.98
CA TYR A 389 2.03 35.21 -13.83
C TYR A 389 1.26 36.29 -13.04
N VAL A 390 0.70 35.96 -11.87
CA VAL A 390 -0.14 36.93 -11.17
C VAL A 390 0.75 38.05 -10.61
N ASN A 391 0.63 39.24 -11.19
CA ASN A 391 1.42 40.44 -10.79
C ASN A 391 2.92 40.12 -10.90
N LYS A 392 3.31 39.42 -11.96
CA LYS A 392 4.71 39.14 -12.22
C LYS A 392 4.97 39.17 -13.73
N ASN A 393 6.23 39.29 -14.09
CA ASN A 393 6.69 39.21 -15.46
C ASN A 393 5.88 40.12 -16.40
N GLY A 394 5.42 41.26 -15.89
CA GLY A 394 4.70 42.25 -16.70
C GLY A 394 3.20 42.05 -16.76
N PHE A 395 2.67 40.96 -16.18
CA PHE A 395 1.24 40.74 -16.14
C PHE A 395 0.67 41.43 -14.92
N VAL A 396 -0.44 42.13 -15.11
CA VAL A 396 -1.13 42.85 -14.05
C VAL A 396 -2.50 42.18 -13.83
N ARG A 397 -2.89 41.98 -12.56
CA ARG A 397 -4.19 41.40 -12.23
C ARG A 397 -5.25 42.50 -12.20
N TYR A 398 -6.37 42.25 -12.88
CA TYR A 398 -7.56 43.07 -12.80
C TYR A 398 -8.73 42.21 -12.34
N TRP A 399 -9.78 42.86 -11.84
CA TRP A 399 -10.94 42.21 -11.28
C TRP A 399 -12.21 42.78 -11.92
N ASN A 400 -13.01 41.92 -12.55
CA ASN A 400 -14.36 42.29 -13.03
C ASN A 400 -15.34 42.03 -11.89
N ASP A 401 -15.86 43.10 -11.26
CA ASP A 401 -16.70 42.95 -10.08
C ASP A 401 -18.16 42.69 -10.47
N THR A 402 -18.46 42.67 -11.77
CA THR A 402 -19.80 42.28 -12.23
C THR A 402 -19.81 40.77 -12.55
N ALA A 403 -18.84 40.33 -13.37
CA ALA A 403 -18.69 38.92 -13.72
C ALA A 403 -18.16 38.09 -12.53
N LYS A 404 -17.47 38.74 -11.61
CA LYS A 404 -16.86 38.19 -10.36
C LYS A 404 -15.67 37.26 -10.68
N VAL A 405 -14.90 37.59 -11.73
CA VAL A 405 -13.74 36.81 -12.07
C VAL A 405 -12.57 37.73 -12.40
N PRO A 406 -11.34 37.26 -12.08
CA PRO A 406 -10.09 37.95 -12.37
C PRO A 406 -9.51 37.70 -13.77
N TYR A 407 -8.47 38.46 -14.13
CA TYR A 407 -7.79 38.26 -15.39
C TYR A 407 -6.46 39.01 -15.38
N LEU A 408 -5.49 38.49 -16.13
CA LEU A 408 -4.16 39.08 -16.21
C LEU A 408 -3.99 39.70 -17.60
N TYR A 409 -3.29 40.84 -17.67
CA TYR A 409 -2.96 41.44 -18.97
C TYR A 409 -1.56 42.04 -18.94
N ASN A 410 -0.76 41.70 -19.95
CA ASN A 410 0.57 42.21 -20.08
C ASN A 410 0.54 43.25 -21.21
N ALA A 411 0.72 44.51 -20.85
CA ALA A 411 0.55 45.62 -21.81
C ALA A 411 1.62 45.54 -22.90
N THR A 412 2.76 44.90 -22.59
CA THR A 412 3.92 44.91 -23.46
C THR A 412 3.77 43.83 -24.56
N THR A 413 3.52 42.58 -24.16
CA THR A 413 3.38 41.47 -25.11
C THR A 413 1.99 41.48 -25.74
N GLY A 414 1.00 42.04 -25.01
CA GLY A 414 -0.41 42.01 -25.42
C GLY A 414 -1.13 40.71 -25.01
N THR A 415 -0.50 39.89 -24.17
CA THR A 415 -1.05 38.58 -23.79
C THR A 415 -2.12 38.80 -22.71
N PHE A 416 -3.30 38.19 -22.92
CA PHE A 416 -4.47 38.25 -22.00
C PHE A 416 -4.76 36.84 -21.47
N ILE A 417 -5.01 36.71 -20.15
CA ILE A 417 -5.35 35.41 -19.56
C ILE A 417 -6.59 35.54 -18.67
N SER A 418 -7.60 34.70 -18.93
CA SER A 418 -8.75 34.55 -18.07
C SER A 418 -8.49 33.36 -17.13
N TYR A 419 -8.79 33.52 -15.84
CA TYR A 419 -8.50 32.46 -14.88
C TYR A 419 -9.44 32.58 -13.70
N ASP A 420 -9.37 31.59 -12.80
CA ASP A 420 -10.10 31.57 -11.55
C ASP A 420 -9.07 31.47 -10.42
N ASP A 421 -9.38 32.17 -9.31
CA ASP A 421 -8.53 32.21 -8.13
C ASP A 421 -9.41 31.95 -6.90
N ASN A 422 -8.82 32.06 -5.71
CA ASN A 422 -9.50 31.79 -4.44
C ASN A 422 -10.67 32.76 -4.25
N GLU A 423 -10.53 34.01 -4.70
CA GLU A 423 -11.57 35.04 -4.56
C GLU A 423 -12.80 34.62 -5.40
N SER A 424 -12.58 34.36 -6.69
CA SER A 424 -13.63 33.94 -7.61
C SER A 424 -14.22 32.59 -7.19
N MET A 425 -13.40 31.68 -6.65
CA MET A 425 -13.87 30.37 -6.19
C MET A 425 -14.83 30.54 -5.00
N LYS A 426 -14.59 31.51 -4.14
CA LYS A 426 -15.42 31.74 -2.96
C LYS A 426 -16.79 32.27 -3.41
N TYR A 427 -16.82 33.14 -4.43
CA TYR A 427 -18.09 33.59 -5.01
C TYR A 427 -18.89 32.40 -5.57
N LYS A 428 -18.20 31.45 -6.22
CA LYS A 428 -18.86 30.31 -6.86
C LYS A 428 -19.42 29.35 -5.79
N THR A 429 -18.73 29.19 -4.67
CA THR A 429 -19.20 28.35 -3.59
C THR A 429 -20.43 28.99 -2.91
N ASP A 430 -20.46 30.33 -2.83
CA ASP A 430 -21.63 31.05 -2.32
C ASP A 430 -22.81 30.83 -3.25
N TYR A 431 -22.58 30.85 -4.56
CA TYR A 431 -23.61 30.58 -5.54
C TYR A 431 -24.15 29.15 -5.40
N ILE A 432 -23.25 28.17 -5.23
CA ILE A 432 -23.68 26.81 -5.10
C ILE A 432 -24.62 26.72 -3.90
N LYS A 433 -24.30 27.40 -2.80
CA LYS A 433 -25.08 27.24 -1.59
C LYS A 433 -26.41 28.00 -1.71
N THR A 434 -26.42 29.15 -2.37
CA THR A 434 -27.66 29.98 -2.46
C THR A 434 -28.65 29.37 -3.49
N LYS A 435 -28.15 28.86 -4.63
CA LYS A 435 -29.02 28.39 -5.69
C LYS A 435 -29.54 26.98 -5.40
N GLY A 436 -28.89 26.26 -4.49
CA GLY A 436 -29.34 24.95 -4.08
C GLY A 436 -28.73 23.82 -4.90
N LEU A 437 -27.59 24.07 -5.57
CA LEU A 437 -26.84 23.02 -6.27
C LEU A 437 -26.28 22.05 -5.23
N SER A 438 -25.91 20.84 -5.64
CA SER A 438 -25.59 19.82 -4.66
C SER A 438 -24.07 19.56 -4.56
N GLY A 439 -23.24 20.40 -5.18
CA GLY A 439 -21.82 20.25 -5.01
C GLY A 439 -20.97 20.98 -6.05
N ALA A 440 -19.68 20.63 -6.07
CA ALA A 440 -18.74 21.19 -7.02
C ALA A 440 -17.88 20.08 -7.63
N MET A 441 -17.71 20.15 -8.94
CA MET A 441 -16.82 19.30 -9.70
C MET A 441 -15.70 20.19 -10.21
N PHE A 442 -14.47 19.67 -10.29
CA PHE A 442 -13.36 20.52 -10.75
C PHE A 442 -12.44 19.74 -11.69
N TRP A 443 -11.92 20.46 -12.69
CA TRP A 443 -10.95 19.97 -13.64
C TRP A 443 -9.72 20.87 -13.58
N GLU A 444 -8.57 20.32 -13.16
CA GLU A 444 -8.45 18.96 -12.63
C GLU A 444 -7.41 18.97 -11.48
N LEU A 445 -7.19 17.81 -10.84
CA LEU A 445 -6.42 17.68 -9.59
C LEU A 445 -4.97 18.17 -9.69
N SER A 446 -4.32 18.01 -10.84
CA SER A 446 -2.91 18.31 -11.00
C SER A 446 -2.66 19.80 -11.24
N GLY A 447 -3.71 20.60 -11.46
CA GLY A 447 -3.54 22.01 -11.85
C GLY A 447 -3.57 22.96 -10.66
N ASP A 448 -3.86 22.45 -9.47
CA ASP A 448 -3.89 23.24 -8.24
C ASP A 448 -2.45 23.63 -7.83
N CYS A 449 -2.33 24.58 -6.89
CA CYS A 449 -1.00 25.02 -6.41
C CYS A 449 -0.25 23.85 -5.77
N ARG A 450 0.79 23.38 -6.45
CA ARG A 450 1.60 22.34 -5.93
C ARG A 450 3.04 22.64 -6.34
N THR A 451 3.98 21.76 -5.97
CA THR A 451 5.28 21.78 -6.61
C THR A 451 5.26 20.74 -7.73
N SER A 452 5.72 21.16 -8.92
CA SER A 452 5.71 20.35 -10.12
C SER A 452 7.01 20.53 -10.90
N PRO A 453 7.34 19.61 -11.83
CA PRO A 453 8.52 19.76 -12.67
C PRO A 453 8.71 21.13 -13.34
N LYS A 454 7.65 21.93 -13.47
CA LYS A 454 7.72 23.18 -14.26
C LYS A 454 7.38 24.42 -13.41
N TYR A 455 6.94 24.24 -12.16
CA TYR A 455 6.67 25.42 -11.33
C TYR A 455 6.58 24.97 -9.90
N SER A 456 6.79 25.90 -8.96
CA SER A 456 6.55 25.64 -7.55
C SER A 456 5.68 26.75 -6.94
N CYS A 457 4.41 26.44 -6.68
CA CYS A 457 3.47 27.37 -6.09
C CYS A 457 3.35 27.06 -4.61
N SER A 458 3.54 28.05 -3.75
CA SER A 458 3.48 27.81 -2.30
C SER A 458 2.26 28.49 -1.65
N GLY A 459 1.51 29.28 -2.43
CA GLY A 459 0.35 30.03 -1.94
C GLY A 459 -0.87 29.15 -1.63
N PRO A 460 -2.03 29.78 -1.28
CA PRO A 460 -3.25 29.04 -0.95
C PRO A 460 -3.85 28.26 -2.12
N LYS A 461 -4.57 27.18 -1.80
CA LYS A 461 -5.01 26.17 -2.78
C LYS A 461 -6.51 26.28 -3.06
N LEU A 462 -6.84 26.26 -4.33
CA LEU A 462 -8.25 26.34 -4.73
C LEU A 462 -9.06 25.28 -3.97
N LEU A 463 -8.51 24.07 -3.87
CA LEU A 463 -9.23 22.95 -3.31
C LEU A 463 -9.53 23.20 -1.83
N ASP A 464 -8.63 23.86 -1.10
CA ASP A 464 -8.91 24.15 0.35
C ASP A 464 -10.08 25.14 0.47
N THR A 465 -10.24 26.02 -0.53
CA THR A 465 -11.37 26.95 -0.59
C THR A 465 -12.68 26.15 -0.74
N LEU A 466 -12.70 25.15 -1.63
CA LEU A 466 -13.92 24.36 -1.85
C LEU A 466 -14.30 23.58 -0.58
N VAL A 467 -13.29 23.09 0.13
CA VAL A 467 -13.50 22.30 1.32
C VAL A 467 -14.04 23.19 2.45
N LYS A 468 -13.36 24.32 2.69
CA LYS A 468 -13.73 25.23 3.78
C LYS A 468 -15.15 25.73 3.54
N GLU A 469 -15.49 26.00 2.28
CA GLU A 469 -16.72 26.68 1.97
C GLU A 469 -17.88 25.68 1.83
N LEU A 470 -17.65 24.47 1.32
CA LEU A 470 -18.74 23.57 1.04
C LEU A 470 -18.87 22.51 2.12
N LEU A 471 -17.77 22.13 2.79
CA LEU A 471 -17.85 21.07 3.81
C LEU A 471 -17.59 21.61 5.22
N GLY A 472 -16.89 22.75 5.35
CA GLY A 472 -16.56 23.31 6.66
C GLY A 472 -15.18 22.85 7.12
N GLY A 473 -14.74 21.67 6.67
CA GLY A 473 -13.40 21.20 6.92
C GLY A 473 -13.21 19.80 6.35
N PRO A 474 -11.98 19.25 6.37
CA PRO A 474 -11.69 17.93 5.80
C PRO A 474 -12.62 16.85 6.33
N ILE A 475 -12.88 15.82 5.52
CA ILE A 475 -13.78 14.76 5.94
C ILE A 475 -13.01 13.76 6.80
N ASN A 476 -13.57 13.42 7.97
CA ASN A 476 -13.01 12.42 8.88
C ASN A 476 -14.16 11.49 9.28
N GLN A 477 -14.49 10.58 8.38
CA GLN A 477 -15.59 9.64 8.57
C GLN A 477 -15.02 8.22 8.56
N LYS A 478 -15.76 7.31 9.20
CA LYS A 478 -15.42 5.91 9.27
C LYS A 478 -15.97 5.22 8.01
N ASP A 479 -15.59 3.96 7.84
CA ASP A 479 -16.09 3.10 6.78
C ASP A 479 -17.59 2.90 7.00
N THR A 480 -18.39 3.24 5.99
CA THR A 480 -19.84 3.00 5.98
C THR A 480 -20.22 2.05 4.85
N GLU A 481 -19.24 1.66 4.03
CA GLU A 481 -19.47 0.83 2.85
C GLU A 481 -19.35 -0.64 3.24
N PRO A 482 -20.42 -1.44 3.17
CA PRO A 482 -20.30 -2.84 3.56
C PRO A 482 -19.53 -3.63 2.51
N PRO A 483 -18.95 -4.80 2.88
CA PRO A 483 -18.38 -5.72 1.91
C PRO A 483 -19.46 -6.34 1.01
N THR A 484 -19.02 -6.83 -0.14
CA THR A 484 -19.92 -7.39 -1.14
C THR A 484 -20.40 -8.77 -0.72
N ASN A 485 -21.57 -9.16 -1.24
CA ASN A 485 -22.25 -10.43 -0.97
C ASN A 485 -21.36 -11.63 -1.37
N VAL A 486 -21.46 -12.71 -0.61
CA VAL A 486 -20.71 -13.94 -0.87
C VAL A 486 -21.34 -14.65 -2.06
N LYS A 487 -20.49 -15.21 -2.92
CA LYS A 487 -20.87 -15.87 -4.18
C LYS A 487 -20.15 -17.21 -4.33
N ASN A 488 -20.79 -18.10 -5.07
CA ASN A 488 -20.29 -19.37 -5.53
C ASN A 488 -19.89 -20.23 -4.32
N ILE A 489 -20.77 -20.32 -3.33
CA ILE A 489 -20.58 -21.28 -2.26
C ILE A 489 -20.59 -22.71 -2.85
N VAL A 490 -19.55 -23.51 -2.58
CA VAL A 490 -19.53 -24.92 -3.06
C VAL A 490 -19.11 -25.85 -1.91
N VAL A 491 -19.52 -27.11 -2.01
CA VAL A 491 -19.10 -28.16 -1.09
C VAL A 491 -17.87 -28.85 -1.69
N THR A 492 -16.70 -28.62 -1.07
CA THR A 492 -15.41 -29.13 -1.51
C THR A 492 -15.27 -30.61 -1.07
N ASN A 493 -15.78 -30.97 0.11
CA ASN A 493 -15.79 -32.36 0.56
C ASN A 493 -16.87 -32.52 1.65
N LYS A 494 -17.41 -33.74 1.79
CA LYS A 494 -18.55 -34.06 2.69
C LYS A 494 -18.25 -35.40 3.37
N ASN A 495 -18.78 -35.53 4.58
CA ASN A 495 -18.49 -36.56 5.56
C ASN A 495 -19.83 -36.96 6.19
N SER A 496 -19.85 -38.01 7.02
CA SER A 496 -21.03 -38.32 7.80
C SER A 496 -21.21 -37.25 8.89
N ASN A 497 -20.09 -36.65 9.35
CA ASN A 497 -20.10 -35.71 10.47
C ASN A 497 -19.44 -34.37 10.12
N SER A 498 -19.03 -34.16 8.86
CA SER A 498 -18.37 -32.87 8.54
C SER A 498 -18.59 -32.43 7.08
N VAL A 499 -18.26 -31.16 6.83
CA VAL A 499 -18.38 -30.54 5.51
C VAL A 499 -17.27 -29.50 5.34
N GLN A 500 -16.78 -29.34 4.11
CA GLN A 500 -15.78 -28.32 3.78
C GLN A 500 -16.38 -27.40 2.72
N LEU A 501 -16.55 -26.12 3.06
CA LEU A 501 -17.12 -25.10 2.17
C LEU A 501 -16.01 -24.17 1.69
N ASN A 502 -16.10 -23.76 0.42
CA ASN A 502 -15.27 -22.72 -0.20
C ASN A 502 -16.20 -21.76 -0.93
N TRP A 503 -15.76 -20.52 -1.12
CA TRP A 503 -16.52 -19.50 -1.82
C TRP A 503 -15.57 -18.45 -2.39
N THR A 504 -16.04 -17.68 -3.38
CA THR A 504 -15.24 -16.61 -3.91
C THR A 504 -15.12 -15.55 -2.82
N ALA A 505 -13.91 -15.04 -2.61
CA ALA A 505 -13.67 -13.97 -1.66
C ALA A 505 -14.47 -12.72 -2.05
N SER A 506 -15.14 -12.14 -1.04
CA SER A 506 -15.83 -10.85 -1.16
C SER A 506 -14.78 -9.73 -1.24
N THR A 507 -15.21 -8.50 -1.53
CA THR A 507 -14.28 -7.35 -1.51
C THR A 507 -14.83 -6.27 -0.59
N ASP A 508 -13.93 -5.41 -0.06
CA ASP A 508 -14.28 -4.23 0.71
C ASP A 508 -13.33 -3.08 0.36
N ASN A 509 -13.77 -1.87 0.68
CA ASN A 509 -13.02 -0.70 0.40
C ASN A 509 -11.83 -0.61 1.37
N VAL A 510 -11.97 -1.11 2.62
CA VAL A 510 -10.89 -1.11 3.62
C VAL A 510 -10.28 -2.51 3.73
N GLY A 511 -11.13 -3.54 3.76
CA GLY A 511 -10.72 -4.94 3.76
C GLY A 511 -11.75 -5.83 4.43
N VAL A 512 -11.79 -7.11 4.04
CA VAL A 512 -12.71 -8.09 4.63
C VAL A 512 -12.02 -8.80 5.78
N THR A 513 -12.56 -8.65 7.00
CA THR A 513 -11.92 -9.13 8.24
C THR A 513 -12.33 -10.57 8.54
N GLU A 514 -13.62 -10.95 8.40
CA GLU A 514 -14.02 -12.37 8.56
C GLU A 514 -15.37 -12.68 7.87
N TYR A 515 -15.71 -13.97 7.86
CA TYR A 515 -16.97 -14.47 7.37
C TYR A 515 -17.71 -15.18 8.52
N GLU A 516 -18.98 -14.83 8.76
CA GLU A 516 -19.80 -15.54 9.77
C GLU A 516 -20.77 -16.49 9.06
N ILE A 517 -20.77 -17.76 9.46
CA ILE A 517 -21.68 -18.75 8.92
C ILE A 517 -22.68 -19.18 10.00
N THR A 518 -23.99 -19.14 9.68
CA THR A 518 -25.04 -19.57 10.63
C THR A 518 -25.89 -20.68 10.01
N ALA A 519 -26.39 -21.56 10.89
CA ALA A 519 -27.30 -22.64 10.57
C ALA A 519 -28.11 -22.95 11.84
N GLY A 520 -29.42 -22.69 11.79
CA GLY A 520 -30.29 -22.79 12.94
C GLY A 520 -29.71 -22.03 14.13
N GLU A 521 -29.44 -22.76 15.22
CA GLU A 521 -28.95 -22.21 16.50
C GLU A 521 -27.42 -21.99 16.46
N GLU A 522 -26.69 -22.67 15.58
CA GLU A 522 -25.21 -22.69 15.61
C GLU A 522 -24.63 -21.55 14.78
N LYS A 523 -23.35 -21.26 15.05
CA LYS A 523 -22.63 -20.14 14.42
C LYS A 523 -21.14 -20.48 14.34
N TRP A 524 -20.48 -20.07 13.26
CA TRP A 524 -19.05 -20.28 13.05
C TRP A 524 -18.47 -19.06 12.33
N SER A 525 -17.15 -18.89 12.41
CA SER A 525 -16.49 -17.82 11.70
C SER A 525 -15.09 -18.23 11.25
N THR A 526 -14.55 -17.49 10.28
CA THR A 526 -13.26 -17.74 9.65
C THR A 526 -12.74 -16.45 9.02
N THR A 527 -11.41 -16.29 8.96
CA THR A 527 -10.76 -15.08 8.42
C THR A 527 -10.41 -15.28 6.94
N THR A 528 -10.74 -16.43 6.38
CA THR A 528 -10.45 -16.75 4.99
C THR A 528 -11.74 -17.25 4.32
N ASN A 529 -11.73 -17.34 2.99
CA ASN A 529 -12.92 -17.72 2.22
C ASN A 529 -13.03 -19.24 2.07
N SER A 530 -13.08 -19.97 3.19
CA SER A 530 -13.29 -21.41 3.29
C SER A 530 -13.43 -21.75 4.78
N ILE A 531 -14.05 -22.88 5.10
CA ILE A 531 -14.14 -23.32 6.50
C ILE A 531 -14.37 -24.84 6.53
N THR A 532 -13.97 -25.47 7.63
CA THR A 532 -14.25 -26.87 7.86
C THR A 532 -15.16 -26.95 9.10
N ILE A 533 -16.33 -27.57 8.94
CA ILE A 533 -17.32 -27.65 10.02
C ILE A 533 -17.46 -29.10 10.48
N LYS A 534 -17.30 -29.32 11.78
CA LYS A 534 -17.27 -30.66 12.37
C LYS A 534 -18.42 -30.79 13.37
N ASN A 535 -18.60 -31.99 13.92
CA ASN A 535 -19.57 -32.32 14.98
C ASN A 535 -21.00 -32.10 14.49
N LEU A 536 -21.33 -32.68 13.33
CA LEU A 536 -22.65 -32.51 12.71
C LEU A 536 -23.41 -33.84 12.78
N LYS A 537 -24.74 -33.75 12.95
CA LYS A 537 -25.64 -34.92 12.92
C LYS A 537 -25.60 -35.58 11.54
N PRO A 538 -25.37 -36.90 11.45
CA PRO A 538 -25.38 -37.61 10.16
C PRO A 538 -26.73 -37.65 9.45
N ASN A 539 -26.68 -37.65 8.12
CA ASN A 539 -27.85 -37.77 7.26
C ASN A 539 -28.84 -36.62 7.54
N THR A 540 -28.30 -35.43 7.84
CA THR A 540 -29.11 -34.25 8.17
C THR A 540 -28.90 -33.15 7.12
N GLU A 541 -29.99 -32.44 6.86
CA GLU A 541 -30.03 -31.30 6.00
C GLU A 541 -29.65 -30.08 6.82
N TYR A 542 -28.69 -29.29 6.30
CA TYR A 542 -28.26 -28.03 6.91
C TYR A 542 -28.32 -26.93 5.86
N THR A 543 -28.77 -25.72 6.25
CA THR A 543 -28.76 -24.55 5.38
C THR A 543 -27.77 -23.54 5.94
N PHE A 544 -26.66 -23.31 5.22
CA PHE A 544 -25.56 -22.46 5.72
C PHE A 544 -25.68 -21.08 5.10
N SER A 545 -25.85 -20.06 5.95
CA SER A 545 -25.94 -18.67 5.52
C SER A 545 -24.62 -17.98 5.87
N ILE A 546 -24.04 -17.30 4.89
CA ILE A 546 -22.72 -16.70 5.04
C ILE A 546 -22.82 -15.19 4.79
N ILE A 547 -22.23 -14.39 5.69
CA ILE A 547 -22.11 -12.95 5.49
C ILE A 547 -20.64 -12.54 5.64
N ALA A 548 -20.24 -11.43 5.02
CA ALA A 548 -18.87 -10.89 5.12
C ALA A 548 -18.85 -9.64 6.01
N LYS A 549 -17.84 -9.51 6.88
CA LYS A 549 -17.71 -8.39 7.78
C LYS A 549 -16.44 -7.59 7.44
N ASP A 550 -16.47 -6.30 7.78
CA ASP A 550 -15.31 -5.44 7.76
C ASP A 550 -15.04 -4.95 9.19
N ALA A 551 -13.94 -4.23 9.38
CA ALA A 551 -13.49 -3.85 10.71
C ALA A 551 -14.46 -2.85 11.35
N ALA A 552 -14.92 -1.85 10.58
CA ALA A 552 -15.85 -0.85 11.12
C ALA A 552 -17.19 -1.51 11.52
N GLY A 553 -17.44 -2.75 11.11
CA GLY A 553 -18.57 -3.50 11.61
C GLY A 553 -19.71 -3.60 10.60
N ASN A 554 -19.52 -3.07 9.39
CA ASN A 554 -20.46 -3.28 8.30
C ASN A 554 -20.53 -4.77 7.97
N LYS A 555 -21.62 -5.19 7.32
CA LYS A 555 -21.77 -6.56 6.88
C LYS A 555 -22.60 -6.64 5.59
N SER A 556 -22.35 -7.73 4.85
CA SER A 556 -23.06 -8.03 3.62
C SER A 556 -24.43 -8.62 4.00
N GLN A 557 -25.30 -8.83 3.00
CA GLN A 557 -26.55 -9.55 3.24
C GLN A 557 -26.33 -11.04 2.95
N PRO A 558 -26.96 -11.94 3.75
CA PRO A 558 -26.64 -13.37 3.74
C PRO A 558 -26.87 -14.04 2.38
N THR A 559 -26.08 -15.06 2.07
CA THR A 559 -26.25 -15.92 0.94
C THR A 559 -26.21 -17.34 1.49
N ALA A 560 -26.88 -18.31 0.90
CA ALA A 560 -26.93 -19.62 1.55
C ALA A 560 -26.76 -20.77 0.55
N LEU A 561 -26.54 -21.95 1.14
CA LEU A 561 -26.45 -23.20 0.40
C LEU A 561 -26.91 -24.33 1.31
N THR A 562 -27.64 -25.29 0.72
CA THR A 562 -28.27 -26.39 1.42
C THR A 562 -27.44 -27.65 1.17
N VAL A 563 -27.01 -28.30 2.24
CA VAL A 563 -26.12 -29.44 2.17
C VAL A 563 -26.68 -30.59 3.02
N LYS A 564 -26.70 -31.82 2.50
CA LYS A 564 -27.04 -33.02 3.33
C LYS A 564 -25.74 -33.76 3.68
N THR A 565 -25.51 -33.99 4.97
CA THR A 565 -24.39 -34.84 5.39
C THR A 565 -24.61 -36.28 4.90
N ASP A 566 -23.53 -37.07 4.87
CA ASP A 566 -23.59 -38.50 4.52
C ASP A 566 -24.08 -39.30 5.73
N GLU A 567 -24.46 -40.55 5.47
CA GLU A 567 -24.75 -41.56 6.50
C GLU A 567 -23.43 -42.28 6.84
N THR A 578 -22.70 -37.91 -15.24
CA THR A 578 -22.16 -36.62 -14.83
C THR A 578 -23.13 -35.50 -15.26
N ALA A 579 -23.56 -34.72 -14.27
CA ALA A 579 -24.18 -33.41 -14.45
C ALA A 579 -23.56 -32.45 -13.42
N THR A 580 -22.93 -31.37 -13.88
CA THR A 580 -22.32 -30.36 -12.97
C THR A 580 -23.23 -29.12 -12.90
N PHE A 581 -23.73 -28.82 -11.69
CA PHE A 581 -24.68 -27.71 -11.40
C PHE A 581 -23.90 -26.48 -10.92
N SER A 582 -24.03 -25.36 -11.67
CA SER A 582 -23.36 -24.08 -11.35
C SER A 582 -24.40 -22.97 -11.25
N VAL A 583 -24.16 -21.99 -10.36
CA VAL A 583 -25.05 -20.83 -10.18
C VAL A 583 -24.47 -19.65 -10.98
N THR A 584 -25.20 -19.19 -11.99
CA THR A 584 -24.70 -18.15 -12.94
C THR A 584 -24.81 -16.74 -12.34
N SER A 585 -25.93 -16.46 -11.66
CA SER A 585 -26.18 -15.14 -11.03
C SER A 585 -27.02 -15.35 -9.76
N ASN A 586 -26.85 -14.52 -8.73
CA ASN A 586 -27.65 -14.74 -7.51
C ASN A 586 -27.94 -13.43 -6.76
N TRP A 587 -29.22 -13.05 -6.75
CA TRP A 587 -29.79 -12.05 -5.79
C TRP A 587 -30.26 -12.85 -4.57
N GLY A 588 -30.81 -12.22 -3.55
CA GLY A 588 -31.18 -12.99 -2.34
C GLY A 588 -32.28 -14.03 -2.58
N SER A 589 -33.41 -13.58 -3.17
CA SER A 589 -34.68 -14.33 -3.27
C SER A 589 -34.59 -15.51 -4.25
N GLY A 590 -33.87 -15.33 -5.36
CA GLY A 590 -33.74 -16.32 -6.43
C GLY A 590 -32.38 -16.26 -7.10
N TYR A 591 -32.10 -17.24 -7.96
CA TYR A 591 -30.81 -17.35 -8.66
C TYR A 591 -31.01 -17.98 -10.04
N ASN A 592 -30.07 -17.73 -10.96
CA ASN A 592 -30.00 -18.42 -12.25
C ASN A 592 -29.00 -19.57 -12.07
N PHE A 593 -29.20 -20.67 -12.81
CA PHE A 593 -28.32 -21.82 -12.70
C PHE A 593 -27.88 -22.28 -14.10
N SER A 594 -27.16 -23.41 -14.11
CA SER A 594 -26.63 -24.03 -15.32
C SER A 594 -26.30 -25.49 -14.98
N ILE A 595 -26.62 -26.40 -15.91
CA ILE A 595 -26.23 -27.81 -15.80
C ILE A 595 -25.53 -28.18 -17.11
N ILE A 596 -24.33 -28.77 -16.99
CA ILE A 596 -23.62 -29.38 -18.10
C ILE A 596 -23.73 -30.91 -17.92
N ILE A 597 -24.30 -31.57 -18.95
CA ILE A 597 -24.52 -33.02 -18.93
C ILE A 597 -23.46 -33.64 -19.84
N LYS A 598 -22.52 -34.39 -19.25
CA LYS A 598 -21.46 -35.04 -20.00
C LYS A 598 -21.88 -36.50 -20.27
N ASN A 599 -21.72 -36.92 -21.52
CA ASN A 599 -21.91 -38.30 -21.95
C ASN A 599 -20.54 -38.99 -21.80
N ASN A 600 -20.49 -40.03 -20.97
CA ASN A 600 -19.31 -40.89 -20.82
C ASN A 600 -19.61 -42.25 -21.46
N GLY A 601 -20.41 -42.21 -22.55
CA GLY A 601 -21.11 -43.38 -23.09
C GLY A 601 -20.38 -44.04 -24.24
N THR A 602 -20.75 -45.32 -24.47
CA THR A 602 -20.31 -46.14 -25.59
C THR A 602 -21.34 -46.09 -26.73
N THR A 603 -22.25 -45.09 -26.68
CA THR A 603 -23.26 -44.85 -27.72
C THR A 603 -23.60 -43.37 -27.72
N PRO A 604 -24.25 -42.84 -28.77
CA PRO A 604 -24.83 -41.48 -28.69
C PRO A 604 -26.05 -41.47 -27.75
N ILE A 605 -26.35 -40.32 -27.14
CA ILE A 605 -27.56 -40.19 -26.30
C ILE A 605 -28.62 -39.45 -27.13
N LYS A 606 -29.77 -40.08 -27.39
CA LYS A 606 -30.89 -39.47 -28.14
C LYS A 606 -32.12 -39.46 -27.22
N ASN A 607 -32.86 -38.34 -27.20
CA ASN A 607 -34.03 -38.20 -26.30
C ASN A 607 -33.60 -38.53 -24.86
N TRP A 608 -32.56 -37.82 -24.38
CA TRP A 608 -32.02 -37.97 -23.01
C TRP A 608 -33.03 -37.43 -21.99
N LYS A 609 -33.07 -38.04 -20.79
CA LYS A 609 -33.89 -37.58 -19.65
C LYS A 609 -33.06 -37.59 -18.36
N LEU A 610 -32.72 -36.40 -17.83
CA LEU A 610 -31.92 -36.26 -16.59
C LEU A 610 -32.83 -36.40 -15.36
N GLU A 611 -32.46 -37.30 -14.43
CA GLU A 611 -33.18 -37.54 -13.18
C GLU A 611 -32.20 -37.36 -12.02
N PHE A 612 -32.56 -36.49 -11.06
CA PHE A 612 -31.70 -36.14 -9.94
C PHE A 612 -32.59 -35.68 -8.76
N ASP A 613 -31.99 -35.52 -7.57
CA ASP A 613 -32.71 -34.98 -6.41
C ASP A 613 -32.00 -33.69 -5.94
N TYR A 614 -32.78 -32.64 -5.65
CA TYR A 614 -32.27 -31.32 -5.27
C TYR A 614 -33.14 -30.80 -4.14
N SER A 615 -32.55 -30.52 -2.96
CA SER A 615 -33.31 -30.00 -1.81
C SER A 615 -33.45 -28.48 -1.92
N GLY A 616 -34.28 -28.08 -2.91
CA GLY A 616 -34.52 -26.71 -3.32
C GLY A 616 -35.53 -26.68 -4.46
N ASN A 617 -36.08 -25.48 -4.76
CA ASN A 617 -37.12 -25.27 -5.78
C ASN A 617 -36.50 -24.64 -7.04
N LEU A 618 -36.77 -25.26 -8.21
CA LEU A 618 -36.37 -24.75 -9.53
C LEU A 618 -37.65 -24.32 -10.28
N THR A 619 -37.66 -23.10 -10.83
CA THR A 619 -38.90 -22.54 -11.41
C THR A 619 -38.86 -22.58 -12.95
N GLN A 620 -37.79 -22.06 -13.58
CA GLN A 620 -37.74 -21.97 -15.07
C GLN A 620 -36.50 -22.70 -15.59
N VAL A 621 -36.66 -23.49 -16.66
CA VAL A 621 -35.57 -24.18 -17.36
C VAL A 621 -35.65 -23.80 -18.86
N TRP A 622 -34.49 -23.49 -19.46
CA TRP A 622 -34.37 -23.25 -20.89
C TRP A 622 -33.61 -24.43 -21.53
N ASP A 623 -33.90 -24.67 -22.81
CA ASP A 623 -33.31 -25.77 -23.62
C ASP A 623 -33.69 -27.13 -23.02
N SER A 624 -34.74 -27.14 -22.18
CA SER A 624 -35.16 -28.27 -21.36
C SER A 624 -36.59 -28.01 -20.88
N LYS A 625 -37.28 -29.06 -20.39
CA LYS A 625 -38.58 -28.93 -19.72
C LYS A 625 -38.49 -29.78 -18.44
N ILE A 626 -39.22 -29.38 -17.39
CA ILE A 626 -39.30 -30.16 -16.13
C ILE A 626 -40.47 -31.16 -16.27
N SER A 627 -40.16 -32.48 -16.33
CA SER A 627 -41.21 -33.48 -16.55
C SER A 627 -42.05 -33.72 -15.28
N SER A 628 -41.39 -33.88 -14.11
CA SER A 628 -42.10 -34.23 -12.86
C SER A 628 -41.28 -33.73 -11.64
N LYS A 629 -41.86 -33.84 -10.43
CA LYS A 629 -41.19 -33.52 -9.15
C LYS A 629 -41.92 -34.23 -8.00
N THR A 630 -41.15 -34.81 -7.07
CA THR A 630 -41.70 -35.45 -5.84
C THR A 630 -40.62 -35.47 -4.75
N ASN A 631 -40.88 -34.84 -3.60
CA ASN A 631 -39.92 -34.80 -2.45
C ASN A 631 -38.53 -34.32 -2.92
N ASN A 632 -38.52 -33.26 -3.74
CA ASN A 632 -37.31 -32.60 -4.32
C ASN A 632 -36.60 -33.51 -5.34
N HIS A 633 -37.23 -34.59 -5.81
CA HIS A 633 -36.67 -35.39 -6.91
C HIS A 633 -37.13 -34.74 -8.22
N TYR A 634 -36.26 -34.66 -9.23
CA TYR A 634 -36.56 -33.91 -10.46
C TYR A 634 -36.34 -34.78 -11.71
N VAL A 635 -37.33 -34.81 -12.62
CA VAL A 635 -37.18 -35.41 -13.95
C VAL A 635 -37.16 -34.26 -14.97
N ILE A 636 -36.10 -34.19 -15.79
CA ILE A 636 -35.97 -33.16 -16.86
C ILE A 636 -35.86 -33.86 -18.23
N THR A 637 -36.40 -33.22 -19.27
CA THR A 637 -36.43 -33.72 -20.66
C THR A 637 -35.99 -32.60 -21.62
N ASN A 638 -35.66 -32.97 -22.87
CA ASN A 638 -35.08 -32.06 -23.88
C ASN A 638 -36.16 -31.20 -24.54
N ALA A 639 -35.70 -30.18 -25.30
CA ALA A 639 -36.50 -29.24 -26.09
C ALA A 639 -36.67 -29.73 -27.53
N GLY A 640 -36.32 -31.00 -27.82
CA GLY A 640 -36.55 -31.61 -29.13
C GLY A 640 -35.39 -31.42 -30.11
N TRP A 641 -34.68 -30.29 -30.01
CA TRP A 641 -33.47 -30.05 -30.77
C TRP A 641 -32.25 -30.13 -29.84
N ASN A 642 -32.47 -30.71 -28.66
CA ASN A 642 -31.42 -31.07 -27.71
C ASN A 642 -31.40 -32.58 -27.47
N GLY A 643 -32.13 -33.33 -28.30
CA GLY A 643 -32.30 -34.78 -28.15
C GLY A 643 -30.97 -35.53 -28.15
N GLU A 644 -30.06 -35.12 -29.06
CA GLU A 644 -28.83 -35.90 -29.33
C GLU A 644 -27.61 -35.27 -28.62
N ILE A 645 -26.94 -36.09 -27.79
CA ILE A 645 -25.67 -35.78 -27.09
C ILE A 645 -24.69 -36.92 -27.40
N PRO A 646 -23.59 -36.65 -28.13
CA PRO A 646 -22.67 -37.71 -28.58
C PRO A 646 -21.86 -38.28 -27.41
N SER A 647 -21.36 -39.53 -27.53
CA SER A 647 -20.52 -40.10 -26.47
C SER A 647 -19.27 -39.24 -26.32
N GLY A 648 -19.05 -38.71 -25.10
CA GLY A 648 -17.99 -37.76 -24.83
C GLY A 648 -18.46 -36.32 -24.97
N GLY A 649 -19.65 -36.12 -25.53
CA GLY A 649 -20.28 -34.82 -25.71
C GLY A 649 -20.98 -34.34 -24.46
N SER A 650 -21.34 -33.05 -24.41
CA SER A 650 -22.03 -32.45 -23.27
C SER A 650 -23.26 -31.66 -23.74
N ILE A 651 -24.42 -31.87 -23.09
CA ILE A 651 -25.62 -31.05 -23.31
C ILE A 651 -25.67 -30.02 -22.17
N THR A 652 -25.72 -28.73 -22.53
CA THR A 652 -25.75 -27.66 -21.53
C THR A 652 -27.14 -27.00 -21.53
N ILE A 653 -27.83 -27.04 -20.38
CA ILE A 653 -29.19 -26.49 -20.19
C ILE A 653 -29.14 -25.48 -19.05
N GLY A 654 -30.08 -24.52 -19.05
CA GLY A 654 -30.10 -23.49 -18.01
C GLY A 654 -31.49 -23.28 -17.44
N GLY A 655 -31.53 -22.74 -16.21
CA GLY A 655 -32.76 -22.45 -15.51
C GLY A 655 -32.60 -21.37 -14.45
N ALA A 656 -33.70 -21.10 -13.73
CA ALA A 656 -33.77 -20.21 -12.55
C ALA A 656 -34.39 -21.00 -11.38
N GLY A 657 -34.17 -20.48 -10.16
CA GLY A 657 -34.77 -21.04 -8.95
C GLY A 657 -35.12 -19.95 -7.96
N THR A 658 -35.93 -20.30 -6.96
CA THR A 658 -36.26 -19.39 -5.87
C THR A 658 -35.76 -20.03 -4.56
N GLY A 659 -35.52 -19.17 -3.56
CA GLY A 659 -34.85 -19.56 -2.32
C GLY A 659 -33.35 -19.56 -2.54
N ASN A 660 -32.63 -20.42 -1.82
CA ASN A 660 -31.17 -20.50 -1.94
C ASN A 660 -30.79 -21.78 -2.66
N PRO A 661 -29.59 -21.82 -3.30
CA PRO A 661 -29.08 -23.00 -4.01
C PRO A 661 -28.82 -24.23 -3.13
N ALA A 662 -28.82 -25.41 -3.76
CA ALA A 662 -28.52 -26.70 -3.13
C ALA A 662 -27.57 -27.47 -4.05
N GLU A 663 -27.32 -28.75 -3.75
CA GLU A 663 -26.39 -29.56 -4.56
C GLU A 663 -27.20 -30.53 -5.43
N LEU A 664 -26.98 -30.55 -6.76
CA LEU A 664 -27.58 -31.55 -7.65
C LEU A 664 -26.98 -32.92 -7.28
N LEU A 665 -27.81 -33.89 -6.92
CA LEU A 665 -27.29 -35.16 -6.39
C LEU A 665 -27.99 -36.35 -7.09
N ASN A 666 -27.29 -37.49 -7.13
CA ASN A 666 -27.79 -38.80 -7.63
C ASN A 666 -28.28 -38.68 -9.09
N ALA A 667 -27.54 -37.93 -9.92
CA ALA A 667 -27.96 -37.65 -11.29
C ALA A 667 -27.72 -38.89 -12.19
N VAL A 668 -28.63 -39.10 -13.16
CA VAL A 668 -28.63 -40.18 -14.17
C VAL A 668 -29.12 -39.61 -15.51
N ILE A 669 -28.51 -40.00 -16.63
CA ILE A 669 -28.99 -39.65 -18.00
C ILE A 669 -29.54 -40.94 -18.67
N SER A 670 -30.83 -40.90 -19.05
CA SER A 670 -31.58 -42.05 -19.59
C SER A 670 -32.60 -41.57 -20.62
N GLN B 35 21.98 -20.28 -6.51
CA GLN B 35 21.12 -19.86 -5.35
C GLN B 35 22.04 -19.59 -4.14
N SER B 36 22.52 -18.33 -4.03
CA SER B 36 23.39 -17.85 -2.92
C SER B 36 22.64 -18.04 -1.60
N GLN B 37 23.36 -18.49 -0.55
CA GLN B 37 22.69 -18.90 0.69
C GLN B 37 23.05 -17.94 1.83
N LYS B 38 22.13 -17.87 2.79
CA LYS B 38 22.23 -17.02 3.96
C LYS B 38 22.30 -17.90 5.21
N ILE B 39 23.05 -17.46 6.23
CA ILE B 39 22.96 -18.06 7.55
C ILE B 39 22.63 -16.95 8.55
N VAL B 40 21.41 -16.98 9.08
CA VAL B 40 20.88 -15.95 9.98
C VAL B 40 20.81 -16.51 11.41
N GLY B 41 21.64 -15.98 12.32
CA GLY B 41 21.69 -16.50 13.68
C GLY B 41 21.01 -15.56 14.65
N TYR B 42 20.21 -16.12 15.58
CA TYR B 42 19.59 -15.37 16.66
C TYR B 42 20.52 -15.33 17.88
N PHE B 43 20.78 -14.11 18.39
CA PHE B 43 21.51 -13.85 19.63
C PHE B 43 20.53 -13.37 20.70
N PRO B 44 20.33 -14.15 21.78
CA PRO B 44 19.53 -13.71 22.91
C PRO B 44 20.24 -12.73 23.85
N SER B 45 19.64 -11.54 24.00
N SER B 45 19.64 -11.55 24.05
CA SER B 45 20.10 -10.54 24.95
CA SER B 45 20.14 -10.53 24.96
C SER B 45 20.47 -11.21 26.28
C SER B 45 20.43 -11.13 26.35
N TRP B 46 19.58 -12.06 26.79
CA TRP B 46 19.67 -12.63 28.15
C TRP B 46 20.73 -13.73 28.25
N GLY B 47 21.28 -14.18 27.12
CA GLY B 47 22.37 -15.11 27.15
C GLY B 47 23.58 -14.59 27.89
N VAL B 48 23.73 -13.26 28.02
CA VAL B 48 24.94 -12.68 28.65
C VAL B 48 25.01 -12.91 30.17
N TYR B 49 23.93 -13.37 30.82
CA TYR B 49 23.90 -13.62 32.29
C TYR B 49 24.23 -15.09 32.61
N GLY B 50 23.24 -15.87 33.09
CA GLY B 50 23.45 -17.26 33.52
C GLY B 50 24.17 -18.13 32.49
N ARG B 51 23.79 -18.00 31.21
CA ARG B 51 24.28 -18.84 30.10
C ARG B 51 25.72 -18.47 29.71
N ASN B 52 26.16 -17.27 30.08
CA ASN B 52 27.51 -16.77 29.86
C ASN B 52 27.93 -16.95 28.38
N TYR B 53 27.10 -16.46 27.45
CA TYR B 53 27.46 -16.41 26.05
C TYR B 53 27.49 -14.94 25.63
N GLN B 54 28.68 -14.43 25.37
CA GLN B 54 28.91 -13.01 25.07
C GLN B 54 28.98 -12.86 23.54
N VAL B 55 28.80 -11.64 23.08
CA VAL B 55 28.91 -11.28 21.70
C VAL B 55 30.29 -11.69 21.17
N ALA B 56 31.33 -11.46 22.00
CA ALA B 56 32.73 -11.70 21.63
C ALA B 56 32.97 -13.18 21.32
N ASP B 57 32.19 -14.08 21.93
CA ASP B 57 32.32 -15.52 21.73
C ASP B 57 31.91 -15.93 20.31
N ILE B 58 31.20 -15.07 19.59
CA ILE B 58 30.58 -15.41 18.29
C ILE B 58 31.64 -15.45 17.19
N ASP B 59 31.71 -16.55 16.43
CA ASP B 59 32.55 -16.59 15.20
C ASP B 59 31.73 -16.18 13.96
N ALA B 60 31.77 -14.90 13.59
CA ALA B 60 30.85 -14.34 12.63
C ALA B 60 31.30 -14.62 11.19
N SER B 61 32.43 -15.33 11.02
CA SER B 61 32.77 -15.96 9.72
C SER B 61 31.75 -17.05 9.36
N LYS B 62 30.96 -17.52 10.34
CA LYS B 62 29.99 -18.57 10.10
C LYS B 62 28.56 -18.04 9.91
N LEU B 63 28.36 -16.73 9.71
CA LEU B 63 27.04 -16.08 9.63
C LEU B 63 27.06 -15.06 8.49
N THR B 64 25.91 -14.82 7.85
CA THR B 64 25.76 -13.63 7.00
C THR B 64 25.03 -12.53 7.79
N HIS B 65 24.14 -12.90 8.70
CA HIS B 65 23.23 -11.97 9.40
C HIS B 65 23.11 -12.39 10.86
N LEU B 66 23.16 -11.41 11.77
CA LEU B 66 22.89 -11.71 13.17
C LEU B 66 21.61 -10.98 13.58
N ASN B 67 20.61 -11.72 14.05
CA ASN B 67 19.36 -11.14 14.61
C ASN B 67 19.51 -11.03 16.14
N TYR B 68 19.35 -9.82 16.67
CA TYR B 68 19.39 -9.57 18.12
C TYR B 68 17.98 -9.54 18.73
N ALA B 69 17.73 -10.45 19.68
CA ALA B 69 16.43 -10.61 20.33
C ALA B 69 16.48 -10.17 21.80
N PHE B 70 15.59 -9.29 22.27
CA PHE B 70 14.57 -8.57 21.51
C PHE B 70 14.53 -7.09 21.90
N ALA B 71 13.86 -6.30 21.06
CA ALA B 71 13.42 -4.96 21.38
C ALA B 71 11.89 -5.01 21.53
N ASP B 72 11.26 -3.90 21.97
CA ASP B 72 9.85 -3.94 22.37
C ASP B 72 9.12 -2.68 21.92
N ILE B 73 7.79 -2.68 22.12
CA ILE B 73 6.95 -1.54 21.81
C ILE B 73 6.47 -0.88 23.11
N CYS B 74 6.62 0.44 23.19
CA CYS B 74 6.16 1.22 24.33
C CYS B 74 4.64 1.41 24.24
N TRP B 75 3.96 1.31 25.37
CA TRP B 75 2.52 1.60 25.43
C TRP B 75 2.15 2.07 26.85
N ASN B 76 1.47 3.23 26.92
CA ASN B 76 1.13 3.89 28.18
C ASN B 76 2.38 4.06 29.04
N GLY B 77 3.48 4.44 28.42
CA GLY B 77 4.71 4.75 29.13
C GLY B 77 5.46 3.53 29.64
N LYS B 78 4.97 2.30 29.36
CA LYS B 78 5.66 1.11 29.80
C LYS B 78 5.92 0.22 28.59
N HIS B 79 6.72 -0.83 28.79
CA HIS B 79 6.83 -1.93 27.86
C HIS B 79 6.88 -3.23 28.66
N GLY B 80 6.53 -4.34 28.03
CA GLY B 80 6.53 -5.64 28.68
C GLY B 80 5.18 -6.30 28.60
N ASN B 81 5.07 -7.51 29.13
CA ASN B 81 3.84 -8.19 29.12
C ASN B 81 3.41 -8.42 30.56
N PRO B 82 2.36 -7.69 31.04
CA PRO B 82 1.95 -7.75 32.44
C PRO B 82 1.05 -8.96 32.76
N SER B 83 0.71 -9.75 31.74
CA SER B 83 -0.18 -10.84 31.97
C SER B 83 0.42 -11.79 32.99
N THR B 84 -0.38 -12.25 33.96
CA THR B 84 0.13 -13.19 34.96
C THR B 84 -0.42 -14.59 34.67
N HIS B 85 -0.91 -14.79 33.44
CA HIS B 85 -1.27 -16.11 32.98
C HIS B 85 -0.01 -16.96 32.96
N PRO B 86 -0.09 -18.27 33.28
CA PRO B 86 1.07 -19.17 33.30
C PRO B 86 1.85 -19.35 31.98
N ASP B 87 1.23 -19.06 30.84
CA ASP B 87 1.90 -19.18 29.57
C ASP B 87 2.80 -17.97 29.28
N ASN B 88 2.81 -16.97 30.17
CA ASN B 88 3.69 -15.80 30.03
C ASN B 88 4.95 -16.05 30.83
N PRO B 89 6.10 -16.33 30.20
CA PRO B 89 7.32 -16.62 30.96
C PRO B 89 7.99 -15.41 31.61
N ASN B 90 7.58 -14.19 31.27
CA ASN B 90 8.12 -12.96 31.85
C ASN B 90 6.97 -12.02 32.20
N LYS B 91 6.56 -11.99 33.47
CA LYS B 91 5.41 -11.22 33.94
C LYS B 91 5.89 -9.94 34.63
N GLN B 92 6.30 -8.95 33.83
N GLN B 92 6.49 -9.01 33.88
CA GLN B 92 7.09 -7.83 34.28
CA GLN B 92 6.96 -7.74 34.39
C GLN B 92 6.94 -6.71 33.24
C GLN B 92 6.92 -6.70 33.26
N THR B 93 6.74 -5.46 33.67
CA THR B 93 6.81 -4.34 32.80
C THR B 93 7.86 -3.38 33.33
N TRP B 94 8.25 -2.43 32.49
CA TRP B 94 9.29 -1.45 32.80
C TRP B 94 8.85 -0.09 32.26
N ASN B 95 9.27 1.00 32.90
CA ASN B 95 9.04 2.28 32.30
C ASN B 95 9.94 2.42 31.07
N CYS B 96 9.45 3.15 30.05
CA CYS B 96 10.18 3.41 28.83
C CYS B 96 11.15 4.58 29.00
N LYS B 97 10.78 5.56 29.84
CA LYS B 97 11.57 6.75 30.05
C LYS B 97 12.87 6.35 30.75
N GLU B 98 14.02 6.67 30.15
CA GLU B 98 15.32 6.23 30.67
C GLU B 98 16.31 7.39 30.51
N SER B 99 16.73 7.95 31.64
CA SER B 99 17.47 9.18 31.67
C SER B 99 18.84 8.98 31.00
N GLY B 100 19.38 7.75 31.07
CA GLY B 100 20.66 7.42 30.46
C GLY B 100 20.57 7.02 28.99
N VAL B 101 19.41 7.11 28.36
CA VAL B 101 19.29 6.75 26.94
C VAL B 101 18.76 7.95 26.16
N PRO B 102 19.60 8.66 25.40
CA PRO B 102 19.16 9.89 24.73
C PRO B 102 17.81 9.76 24.00
N LEU B 103 17.56 8.65 23.29
CA LEU B 103 16.34 8.46 22.47
C LEU B 103 15.10 8.30 23.37
N GLN B 104 15.30 7.81 24.59
CA GLN B 104 14.20 7.48 25.50
C GLN B 104 14.21 8.45 26.70
N ASN B 105 15.00 9.53 26.65
CA ASN B 105 15.00 10.49 27.76
C ASN B 105 13.89 11.53 27.54
N LYS B 106 12.63 11.08 27.61
CA LYS B 106 11.41 11.91 27.39
C LYS B 106 10.19 11.03 27.69
N GLU B 107 8.98 11.60 27.77
CA GLU B 107 7.79 10.75 27.80
C GLU B 107 7.71 10.09 26.41
N VAL B 108 7.69 8.77 26.37
CA VAL B 108 7.73 8.02 25.10
C VAL B 108 6.30 7.82 24.61
N PRO B 109 5.95 8.21 23.37
CA PRO B 109 4.59 8.05 22.85
C PRO B 109 4.26 6.58 22.52
N ASN B 110 2.97 6.23 22.48
CA ASN B 110 2.49 4.91 22.15
C ASN B 110 2.99 4.50 20.76
N GLY B 111 3.42 3.23 20.63
CA GLY B 111 3.91 2.65 19.36
C GLY B 111 5.42 2.77 19.16
N THR B 112 6.14 3.43 20.08
CA THR B 112 7.59 3.68 19.94
C THR B 112 8.38 2.38 20.13
N LEU B 113 9.32 2.09 19.23
CA LEU B 113 10.25 0.98 19.40
C LEU B 113 11.27 1.37 20.47
N VAL B 114 11.45 0.48 21.45
CA VAL B 114 12.26 0.75 22.63
C VAL B 114 13.14 -0.47 22.93
N LEU B 115 14.22 -0.21 23.69
CA LEU B 115 15.14 -1.25 24.12
C LEU B 115 14.41 -2.25 24.99
N GLY B 116 14.63 -3.55 24.75
CA GLY B 116 14.09 -4.62 25.61
C GLY B 116 14.68 -4.56 27.01
N GLU B 117 16.00 -4.34 27.09
CA GLU B 117 16.69 -4.23 28.37
C GLU B 117 17.86 -3.27 28.23
N PRO B 118 17.75 -2.00 28.67
CA PRO B 118 18.83 -1.04 28.49
C PRO B 118 20.17 -1.42 29.13
N TRP B 119 20.20 -2.07 30.29
CA TRP B 119 21.48 -2.44 30.91
C TRP B 119 22.29 -3.34 29.97
N ALA B 120 21.71 -4.49 29.56
CA ALA B 120 22.41 -5.44 28.67
C ALA B 120 22.62 -4.84 27.27
N ASP B 121 21.62 -4.08 26.78
CA ASP B 121 21.65 -3.57 25.41
C ASP B 121 22.67 -2.44 25.22
N VAL B 122 22.66 -1.40 26.07
CA VAL B 122 23.51 -0.22 25.80
C VAL B 122 24.26 0.34 27.02
N THR B 123 24.03 -0.14 28.25
CA THR B 123 24.64 0.55 29.41
C THR B 123 25.86 -0.19 29.96
N LYS B 124 25.87 -1.53 29.93
CA LYS B 124 26.91 -2.31 30.56
C LYS B 124 28.26 -2.01 29.88
N SER B 125 29.27 -1.65 30.69
CA SER B 125 30.63 -1.32 30.24
C SER B 125 31.39 -2.62 30.01
N TYR B 126 32.12 -2.70 28.89
CA TYR B 126 32.95 -3.86 28.58
C TYR B 126 34.40 -3.41 28.66
N PRO B 127 35.24 -4.09 29.48
CA PRO B 127 36.65 -3.68 29.61
C PRO B 127 37.37 -3.86 28.28
N VAL B 128 38.29 -2.92 27.99
CA VAL B 128 39.16 -2.80 26.79
C VAL B 128 38.38 -2.26 25.56
N SER B 129 37.11 -1.88 25.71
CA SER B 129 36.30 -1.43 24.58
C SER B 129 36.67 -0.02 24.11
N GLY B 130 37.28 0.80 24.97
CA GLY B 130 37.65 2.14 24.59
C GLY B 130 36.62 3.16 25.03
N THR B 131 35.53 2.72 25.68
CA THR B 131 34.46 3.64 26.08
C THR B 131 34.75 4.31 27.43
N THR B 132 34.39 5.60 27.52
CA THR B 132 34.42 6.39 28.75
C THR B 132 33.21 6.03 29.62
N TRP B 133 33.17 6.56 30.84
CA TRP B 133 32.05 6.38 31.73
C TRP B 133 30.81 7.11 31.19
N GLU B 134 30.99 8.33 30.69
CA GLU B 134 29.91 9.14 30.10
C GLU B 134 29.30 8.44 28.87
N ASP B 135 30.13 7.72 28.11
CA ASP B 135 29.68 7.02 26.91
C ASP B 135 28.60 6.01 27.27
N CYS B 136 28.81 5.24 28.34
CA CYS B 136 27.88 4.17 28.79
C CYS B 136 26.73 4.75 29.62
N ASP B 137 27.08 5.68 30.49
CA ASP B 137 26.23 6.18 31.53
C ASP B 137 25.13 7.12 30.99
N LYS B 138 25.47 8.02 30.05
CA LYS B 138 24.51 9.01 29.59
C LYS B 138 24.21 8.87 28.07
N TYR B 139 25.02 8.15 27.29
CA TYR B 139 24.84 8.16 25.82
C TYR B 139 24.57 6.77 25.23
N ALA B 140 24.39 5.73 26.05
CA ALA B 140 24.03 4.40 25.56
C ALA B 140 24.94 3.95 24.41
N ARG B 141 26.26 4.13 24.56
CA ARG B 141 27.20 3.74 23.48
C ARG B 141 27.89 2.43 23.83
N CYS B 142 27.45 1.75 24.89
CA CYS B 142 28.07 0.51 25.40
C CYS B 142 27.09 -0.65 25.29
N GLY B 143 27.22 -1.66 26.16
CA GLY B 143 26.35 -2.81 26.19
C GLY B 143 26.64 -3.75 25.02
N ASN B 144 25.66 -4.59 24.68
CA ASN B 144 25.77 -5.56 23.59
C ASN B 144 25.86 -4.83 22.24
N PHE B 145 25.19 -3.69 22.12
CA PHE B 145 25.18 -2.95 20.86
C PHE B 145 26.59 -2.44 20.56
N GLY B 146 27.32 -2.06 21.59
CA GLY B 146 28.70 -1.65 21.42
C GLY B 146 29.58 -2.82 20.98
N GLU B 147 29.33 -4.00 21.53
CA GLU B 147 30.09 -5.18 21.17
C GLU B 147 29.78 -5.58 19.73
N LEU B 148 28.54 -5.37 19.26
CA LEU B 148 28.17 -5.75 17.88
C LEU B 148 28.92 -4.86 16.89
N LYS B 149 29.10 -3.59 17.24
CA LYS B 149 29.85 -2.64 16.45
C LYS B 149 31.31 -3.15 16.31
N ARG B 150 31.89 -3.68 17.38
CA ARG B 150 33.26 -4.26 17.34
C ARG B 150 33.31 -5.51 16.46
N LEU B 151 32.24 -6.32 16.53
CA LEU B 151 32.12 -7.61 15.82
C LEU B 151 32.04 -7.39 14.30
N LYS B 152 31.21 -6.42 13.87
CA LYS B 152 31.08 -6.05 12.47
C LYS B 152 32.43 -5.58 11.90
N ALA B 153 33.25 -4.93 12.72
CA ALA B 153 34.57 -4.42 12.26
C ALA B 153 35.54 -5.58 12.01
N LYS B 154 35.50 -6.57 12.91
CA LYS B 154 36.33 -7.74 12.86
C LYS B 154 35.91 -8.64 11.70
N TYR B 155 34.61 -8.74 11.41
CA TYR B 155 34.07 -9.54 10.30
C TYR B 155 33.27 -8.67 9.33
N PRO B 156 33.92 -7.91 8.44
CA PRO B 156 33.27 -6.78 7.77
C PRO B 156 32.15 -7.09 6.76
N HIS B 157 31.81 -8.37 6.59
CA HIS B 157 30.70 -8.71 5.74
C HIS B 157 29.37 -8.75 6.53
N LEU B 158 29.45 -8.80 7.86
CA LEU B 158 28.34 -9.14 8.75
C LEU B 158 27.30 -8.01 8.76
N LYS B 159 26.02 -8.37 8.65
CA LYS B 159 24.92 -7.42 8.80
C LYS B 159 24.18 -7.72 10.13
N THR B 160 23.82 -6.69 10.89
CA THR B 160 23.07 -6.84 12.17
C THR B 160 21.59 -6.40 12.02
N ILE B 161 20.71 -7.18 12.62
CA ILE B 161 19.28 -6.93 12.61
C ILE B 161 18.75 -6.95 14.05
N ILE B 162 17.82 -6.05 14.34
CA ILE B 162 17.15 -5.98 15.64
C ILE B 162 15.79 -6.66 15.47
N SER B 163 15.59 -7.75 16.21
CA SER B 163 14.36 -8.50 16.19
C SER B 163 13.42 -7.88 17.23
N VAL B 164 12.12 -7.82 16.93
CA VAL B 164 11.15 -7.13 17.79
C VAL B 164 10.05 -8.14 18.17
N GLY B 165 9.50 -7.99 19.37
CA GLY B 165 8.40 -8.86 19.80
C GLY B 165 8.88 -10.22 20.33
N GLY B 166 8.45 -11.28 19.64
CA GLY B 166 8.68 -12.63 20.10
C GLY B 166 7.45 -13.15 20.81
N TRP B 167 7.54 -14.32 21.43
CA TRP B 167 6.39 -14.94 22.05
C TRP B 167 5.90 -14.12 23.26
N THR B 168 6.81 -13.67 24.13
CA THR B 168 6.48 -12.89 25.35
C THR B 168 6.08 -11.43 25.03
N TRP B 169 6.72 -10.77 24.04
CA TRP B 169 6.48 -9.33 23.80
C TRP B 169 5.66 -9.02 22.53
N SER B 170 4.66 -9.83 22.20
CA SER B 170 3.79 -9.56 21.04
C SER B 170 2.43 -8.99 21.48
N ASN B 171 2.29 -8.57 22.74
CA ASN B 171 1.01 -8.18 23.32
C ASN B 171 0.52 -6.86 22.70
N ARG B 172 1.38 -6.05 22.09
CA ARG B 172 0.96 -4.70 21.70
C ARG B 172 1.03 -4.47 20.19
N PHE B 173 1.48 -5.44 19.41
CA PHE B 173 1.55 -5.24 17.97
C PHE B 173 0.17 -4.89 17.37
N SER B 174 -0.87 -5.61 17.78
CA SER B 174 -2.22 -5.38 17.25
C SER B 174 -2.68 -3.95 17.56
N ASP B 175 -2.41 -3.46 18.77
CA ASP B 175 -2.83 -2.11 19.16
C ASP B 175 -2.08 -1.09 18.30
N MET B 176 -0.79 -1.33 18.04
CA MET B 176 0.06 -0.37 17.33
C MET B 176 -0.28 -0.35 15.84
N ALA B 177 -0.69 -1.50 15.30
CA ALA B 177 -0.94 -1.63 13.89
C ALA B 177 -2.36 -1.19 13.51
N ALA B 178 -3.25 -1.03 14.49
CA ALA B 178 -4.67 -0.78 14.21
C ALA B 178 -4.91 0.69 13.84
N ASP B 179 -3.98 1.60 14.15
CA ASP B 179 -4.13 3.02 14.00
C ASP B 179 -3.00 3.59 13.12
N GLU B 180 -3.35 4.38 12.10
CA GLU B 180 -2.36 4.98 11.18
C GLU B 180 -1.31 5.79 11.95
N LYS B 181 -1.72 6.48 13.03
CA LYS B 181 -0.84 7.39 13.79
C LYS B 181 0.24 6.57 14.54
N THR B 182 -0.12 5.42 15.13
CA THR B 182 0.87 4.58 15.85
C THR B 182 1.74 3.75 14.87
N ARG B 183 1.26 3.47 13.66
CA ARG B 183 2.13 2.84 12.66
C ARG B 183 3.23 3.83 12.24
N LYS B 184 2.89 5.11 12.06
CA LYS B 184 3.90 6.10 11.67
C LYS B 184 4.90 6.26 12.82
N VAL B 185 4.44 6.37 14.06
CA VAL B 185 5.32 6.59 15.17
C VAL B 185 6.33 5.44 15.20
N PHE B 186 5.83 4.21 15.12
CA PHE B 186 6.64 3.01 15.13
C PHE B 186 7.65 3.04 13.99
N ALA B 187 7.21 3.30 12.77
CA ALA B 187 8.12 3.29 11.63
C ALA B 187 9.23 4.34 11.81
N GLU B 188 8.89 5.52 12.33
CA GLU B 188 9.89 6.60 12.48
C GLU B 188 10.87 6.24 13.59
N SER B 189 10.37 5.64 14.67
CA SER B 189 11.24 5.29 15.76
C SER B 189 12.19 4.15 15.32
N THR B 190 11.74 3.30 14.39
CA THR B 190 12.56 2.20 13.92
C THR B 190 13.79 2.77 13.18
N VAL B 191 13.57 3.75 12.30
CA VAL B 191 14.66 4.39 11.56
C VAL B 191 15.65 5.04 12.51
N ALA B 192 15.16 5.67 13.59
CA ALA B 192 16.02 6.36 14.56
C ALA B 192 16.83 5.34 15.37
N PHE B 193 16.19 4.21 15.71
CA PHE B 193 16.82 3.13 16.42
C PHE B 193 17.98 2.56 15.58
N LEU B 194 17.73 2.25 14.31
CA LEU B 194 18.77 1.69 13.47
C LEU B 194 19.97 2.64 13.41
N ARG B 195 19.72 3.93 13.17
CA ARG B 195 20.79 4.92 12.99
C ARG B 195 21.60 5.05 14.29
N ALA B 196 20.88 5.09 15.42
CA ALA B 196 21.52 5.37 16.68
C ALA B 196 22.43 4.22 17.09
N TYR B 197 22.02 2.96 16.90
CA TYR B 197 22.69 1.84 17.56
C TYR B 197 23.39 0.95 16.52
N GLY B 198 23.43 1.38 15.26
CA GLY B 198 24.28 0.76 14.21
C GLY B 198 23.74 -0.56 13.66
N PHE B 199 22.42 -0.75 13.61
CA PHE B 199 21.84 -1.93 12.97
C PHE B 199 21.62 -1.67 11.48
N ASP B 200 21.49 -2.77 10.73
CA ASP B 200 21.36 -2.74 9.28
C ASP B 200 19.91 -3.04 8.87
N GLY B 201 19.03 -3.34 9.83
CA GLY B 201 17.64 -3.65 9.53
C GLY B 201 16.85 -4.04 10.75
N VAL B 202 15.58 -4.38 10.50
CA VAL B 202 14.64 -4.75 11.55
C VAL B 202 13.90 -6.03 11.15
N ASP B 203 13.59 -6.87 12.14
CA ASP B 203 12.89 -8.15 11.99
C ASP B 203 11.67 -8.16 12.92
N LEU B 204 10.49 -8.40 12.37
CA LEU B 204 9.27 -8.35 13.17
C LEU B 204 8.79 -9.77 13.49
N ASP B 205 8.84 -10.15 14.77
N ASP B 205 8.92 -10.15 14.77
CA ASP B 205 8.43 -11.47 15.21
CA ASP B 205 8.46 -11.45 15.27
C ASP B 205 7.12 -11.32 15.98
C ASP B 205 7.12 -11.27 16.01
N TRP B 206 6.03 -11.11 15.25
CA TRP B 206 4.69 -10.95 15.82
C TRP B 206 4.08 -12.34 15.93
N GLU B 207 3.97 -12.84 17.17
CA GLU B 207 3.37 -14.12 17.44
C GLU B 207 2.08 -13.92 18.20
N TYR B 208 0.91 -13.85 17.55
CA TYR B 208 0.69 -14.03 16.13
C TYR B 208 -0.52 -13.23 15.72
N PRO B 209 -0.50 -12.58 14.54
CA PRO B 209 -1.63 -11.78 14.08
C PRO B 209 -2.98 -12.50 14.15
N GLY B 210 -3.96 -11.82 14.74
CA GLY B 210 -5.35 -12.23 14.70
C GLY B 210 -5.66 -13.45 15.54
N VAL B 211 -4.71 -13.94 16.35
CA VAL B 211 -4.99 -15.11 17.22
C VAL B 211 -4.52 -14.82 18.66
N GLU B 212 -5.24 -15.37 19.64
CA GLU B 212 -4.89 -15.23 21.05
C GLU B 212 -3.78 -16.23 21.40
N THR B 213 -2.63 -15.74 21.87
CA THR B 213 -1.51 -16.61 22.26
C THR B 213 -1.43 -16.64 23.81
N ILE B 214 -1.31 -15.46 24.43
CA ILE B 214 -1.28 -15.29 25.87
C ILE B 214 -2.46 -14.42 26.28
N PRO B 215 -3.41 -14.93 27.11
CA PRO B 215 -4.59 -14.15 27.51
C PRO B 215 -4.18 -12.80 28.09
N GLY B 216 -4.81 -11.73 27.60
CA GLY B 216 -4.54 -10.36 28.01
C GLY B 216 -3.90 -9.59 26.87
N GLY B 217 -3.35 -10.35 25.91
CA GLY B 217 -2.71 -9.73 24.75
C GLY B 217 -3.73 -9.33 23.70
N SER B 218 -3.41 -8.28 22.96
CA SER B 218 -4.30 -7.76 21.97
C SER B 218 -4.18 -8.58 20.67
N TYR B 219 -5.30 -8.73 19.96
CA TYR B 219 -5.35 -9.36 18.68
C TYR B 219 -6.70 -9.05 18.06
N ARG B 220 -6.74 -8.81 16.74
CA ARG B 220 -7.99 -8.52 16.02
C ARG B 220 -7.96 -9.20 14.65
N PRO B 221 -9.12 -9.54 14.06
CA PRO B 221 -9.18 -10.06 12.69
C PRO B 221 -8.55 -9.13 11.65
N GLU B 222 -8.69 -7.81 11.84
CA GLU B 222 -8.10 -6.81 10.91
C GLU B 222 -6.55 -6.80 11.02
N ASP B 223 -5.98 -7.61 11.92
CA ASP B 223 -4.53 -7.74 11.99
C ASP B 223 -3.99 -8.15 10.60
N LYS B 224 -4.83 -8.82 9.81
CA LYS B 224 -4.47 -9.34 8.49
C LYS B 224 -4.18 -8.19 7.52
N GLN B 225 -5.07 -7.20 7.46
CA GLN B 225 -4.83 -6.07 6.61
C GLN B 225 -3.81 -5.15 7.28
N ASN B 226 -3.84 -5.08 8.62
CA ASN B 226 -3.00 -4.10 9.36
C ASN B 226 -1.52 -4.52 9.41
N PHE B 227 -1.20 -5.82 9.38
CA PHE B 227 0.19 -6.30 9.32
C PHE B 227 0.85 -5.84 8.02
N THR B 228 0.13 -5.96 6.90
CA THR B 228 0.59 -5.46 5.62
C THR B 228 0.80 -3.94 5.67
N LEU B 229 -0.16 -3.18 6.23
CA LEU B 229 -0.01 -1.72 6.29
C LEU B 229 1.24 -1.34 7.10
N LEU B 230 1.52 -2.09 8.18
CA LEU B 230 2.69 -1.80 9.04
C LEU B 230 4.02 -2.00 8.29
N LEU B 231 4.10 -3.07 7.52
CA LEU B 231 5.26 -3.40 6.76
C LEU B 231 5.44 -2.42 5.61
N GLN B 232 4.35 -1.94 5.01
CA GLN B 232 4.44 -0.90 3.99
C GLN B 232 4.92 0.39 4.66
N ASP B 233 4.38 0.71 5.83
CA ASP B 233 4.75 1.94 6.54
C ASP B 233 6.23 1.87 6.96
N VAL B 234 6.71 0.71 7.39
CA VAL B 234 8.11 0.58 7.79
C VAL B 234 9.02 0.63 6.56
N ARG B 235 8.66 -0.13 5.52
CA ARG B 235 9.45 -0.15 4.30
C ARG B 235 9.61 1.26 3.72
N ASN B 236 8.52 2.03 3.64
CA ASN B 236 8.58 3.38 3.05
C ASN B 236 9.57 4.22 3.84
N ALA B 237 9.46 4.18 5.17
CA ALA B 237 10.31 4.92 6.08
C ALA B 237 11.78 4.53 5.87
N LEU B 238 12.05 3.22 5.70
CA LEU B 238 13.41 2.69 5.51
C LEU B 238 13.96 3.11 4.13
N ASN B 239 13.10 3.20 3.12
CA ASN B 239 13.51 3.64 1.78
C ASN B 239 13.89 5.13 1.82
N LYS B 240 13.08 5.95 2.50
CA LYS B 240 13.35 7.38 2.64
C LYS B 240 14.74 7.55 3.28
N ALA B 241 14.98 6.85 4.39
CA ALA B 241 16.18 7.01 5.21
C ALA B 241 17.40 6.39 4.54
N GLY B 242 17.20 5.32 3.76
CA GLY B 242 18.26 4.71 2.98
C GLY B 242 18.77 5.61 1.86
N ALA B 243 17.88 6.42 1.30
CA ALA B 243 18.27 7.45 0.34
C ALA B 243 19.02 8.59 1.03
N GLU B 244 18.59 9.00 2.24
CA GLU B 244 19.30 10.05 2.98
C GLU B 244 20.70 9.55 3.35
N ASP B 245 20.80 8.30 3.78
CA ASP B 245 21.98 7.74 4.46
C ASP B 245 22.96 7.06 3.49
N GLY B 246 22.50 6.59 2.33
CA GLY B 246 23.32 5.85 1.38
C GLY B 246 23.42 4.39 1.78
N LYS B 247 22.43 3.89 2.50
CA LYS B 247 22.41 2.53 2.97
C LYS B 247 21.19 1.83 2.35
N GLN B 248 21.20 0.49 2.29
CA GLN B 248 20.03 -0.30 1.88
C GLN B 248 19.59 -1.10 3.11
N TYR B 249 18.61 -0.58 3.84
CA TYR B 249 18.18 -1.20 5.08
C TYR B 249 17.28 -2.40 4.78
N LEU B 250 17.34 -3.42 5.66
CA LEU B 250 16.61 -4.69 5.47
C LEU B 250 15.37 -4.73 6.37
N LEU B 251 14.32 -5.40 5.86
CA LEU B 251 13.12 -5.69 6.61
C LEU B 251 12.80 -7.18 6.47
N THR B 252 12.59 -7.86 7.61
CA THR B 252 12.22 -9.27 7.61
C THR B 252 11.12 -9.48 8.65
N ILE B 253 10.56 -10.70 8.65
CA ILE B 253 9.73 -11.16 9.71
C ILE B 253 10.11 -12.60 10.07
N ALA B 254 9.64 -13.03 11.24
CA ALA B 254 9.61 -14.42 11.61
C ALA B 254 8.16 -14.85 11.59
N SER B 255 7.82 -15.88 10.83
CA SER B 255 6.39 -16.20 10.64
C SER B 255 6.07 -17.62 11.09
N GLY B 256 4.77 -17.88 11.28
CA GLY B 256 4.26 -19.15 11.82
C GLY B 256 4.12 -20.19 10.72
N ALA B 257 4.58 -21.42 10.99
CA ALA B 257 4.63 -22.50 10.02
C ALA B 257 3.35 -23.31 10.09
N SER B 258 2.22 -22.71 9.72
CA SER B 258 0.92 -23.37 9.74
C SER B 258 -0.01 -22.68 8.74
N GLN B 259 -1.02 -23.42 8.28
CA GLN B 259 -2.13 -22.92 7.45
C GLN B 259 -2.89 -21.82 8.22
N ARG B 260 -3.03 -21.99 9.54
CA ARG B 260 -3.71 -21.04 10.41
C ARG B 260 -3.02 -19.66 10.35
N TYR B 261 -1.68 -19.61 10.38
CA TYR B 261 -0.94 -18.37 10.28
C TYR B 261 -1.21 -17.71 8.92
N ALA B 262 -1.21 -18.53 7.87
CA ALA B 262 -1.46 -18.12 6.51
C ALA B 262 -2.87 -17.53 6.40
N ASP B 263 -3.85 -18.15 7.07
CA ASP B 263 -5.24 -17.73 7.01
C ASP B 263 -5.45 -16.36 7.68
N HIS B 264 -4.54 -15.95 8.57
CA HIS B 264 -4.71 -14.73 9.35
C HIS B 264 -3.76 -13.63 8.88
N THR B 265 -3.06 -13.84 7.75
CA THR B 265 -2.12 -12.86 7.17
C THR B 265 -2.24 -12.86 5.64
N GLU B 266 -1.71 -11.84 4.97
CA GLU B 266 -1.63 -11.83 3.51
C GLU B 266 -0.19 -12.12 3.10
N LEU B 267 0.18 -13.40 3.12
CA LEU B 267 1.57 -13.82 2.87
C LEU B 267 2.07 -13.44 1.48
N LYS B 268 1.24 -13.65 0.45
CA LYS B 268 1.65 -13.38 -0.93
C LYS B 268 2.09 -11.92 -1.05
N LYS B 269 1.28 -10.99 -0.54
CA LYS B 269 1.56 -9.55 -0.60
C LYS B 269 2.83 -9.24 0.21
N ILE B 270 2.94 -9.81 1.41
CA ILE B 270 4.03 -9.58 2.37
C ILE B 270 5.36 -10.01 1.75
N SER B 271 5.36 -11.16 1.07
CA SER B 271 6.54 -11.69 0.42
C SER B 271 7.17 -10.66 -0.53
N GLN B 272 6.35 -9.79 -1.15
CA GLN B 272 6.82 -8.81 -2.14
C GLN B 272 7.29 -7.49 -1.48
N ILE B 273 6.93 -7.26 -0.23
CA ILE B 273 7.35 -6.06 0.45
C ILE B 273 8.69 -6.27 1.18
N LEU B 274 8.92 -7.47 1.71
CA LEU B 274 10.04 -7.82 2.61
C LEU B 274 11.28 -8.17 1.79
N ASP B 275 12.43 -8.25 2.50
CA ASP B 275 13.65 -8.82 1.95
C ASP B 275 13.55 -10.34 1.99
N TRP B 276 13.08 -10.92 3.09
CA TRP B 276 12.81 -12.34 3.14
C TRP B 276 11.98 -12.66 4.37
N ILE B 277 11.60 -13.94 4.51
CA ILE B 277 10.77 -14.40 5.61
C ILE B 277 11.49 -15.51 6.36
N ASN B 278 11.71 -15.34 7.66
CA ASN B 278 12.26 -16.38 8.52
C ASN B 278 11.10 -17.25 9.04
N ILE B 279 10.83 -18.35 8.36
CA ILE B 279 9.71 -19.24 8.73
C ILE B 279 10.13 -20.12 9.92
N MET B 280 9.39 -20.06 11.03
CA MET B 280 9.75 -20.79 12.23
C MET B 280 9.29 -22.24 12.11
N THR B 281 10.03 -23.05 11.35
CA THR B 281 9.69 -24.46 11.11
C THR B 281 10.28 -25.31 12.25
N TYR B 282 9.80 -25.05 13.47
CA TYR B 282 10.19 -25.76 14.69
C TYR B 282 9.08 -25.52 15.72
N ASP B 283 9.16 -26.18 16.88
CA ASP B 283 8.12 -26.13 17.92
C ASP B 283 6.79 -26.63 17.36
N PHE B 284 6.87 -27.58 16.42
CA PHE B 284 5.67 -28.22 15.90
C PHE B 284 4.98 -29.05 17.01
N HIS B 285 5.76 -29.56 17.95
CA HIS B 285 5.30 -30.40 19.07
C HIS B 285 6.25 -30.24 20.26
N GLY B 286 5.67 -30.31 21.47
CA GLY B 286 6.39 -30.20 22.71
C GLY B 286 5.52 -30.44 23.92
N GLY B 287 5.98 -29.94 25.08
CA GLY B 287 5.43 -30.33 26.39
C GLY B 287 4.11 -29.68 26.75
N TRP B 288 3.44 -29.07 25.76
CA TRP B 288 2.07 -28.60 25.90
C TRP B 288 1.09 -29.67 25.42
N GLU B 289 1.58 -30.78 24.86
CA GLU B 289 0.74 -31.87 24.36
C GLU B 289 1.03 -33.14 25.20
N ALA B 290 0.09 -34.08 25.19
CA ALA B 290 0.19 -35.30 25.98
C ALA B 290 0.66 -36.49 25.14
N THR B 291 0.99 -36.29 23.86
CA THR B 291 1.59 -37.34 23.01
C THR B 291 3.03 -36.93 22.70
N SER B 292 3.92 -37.91 22.55
CA SER B 292 5.29 -37.61 22.20
C SER B 292 5.34 -37.38 20.70
N ASN B 293 6.22 -36.46 20.27
CA ASN B 293 6.33 -36.09 18.82
C ASN B 293 7.62 -35.32 18.55
N HIS B 294 7.85 -34.94 17.29
CA HIS B 294 9.10 -34.29 16.87
C HIS B 294 8.93 -32.77 16.78
N ASN B 295 9.88 -32.04 17.38
CA ASN B 295 9.88 -30.58 17.39
C ASN B 295 10.06 -30.05 15.96
N ALA B 296 10.95 -30.64 15.18
CA ALA B 296 11.23 -30.19 13.81
C ALA B 296 11.45 -31.37 12.86
N ALA B 297 10.41 -32.15 12.58
CA ALA B 297 10.49 -33.26 11.59
C ALA B 297 10.54 -32.68 10.18
N LEU B 298 11.35 -33.28 9.29
CA LEU B 298 11.53 -32.72 7.92
C LEU B 298 10.42 -33.20 6.98
N TYR B 299 10.12 -34.51 6.96
CA TYR B 299 9.16 -35.08 6.01
C TYR B 299 7.99 -35.72 6.78
N LYS B 300 6.90 -35.96 6.04
CA LYS B 300 5.70 -36.58 6.58
C LYS B 300 6.01 -38.03 6.99
N ASP B 301 5.68 -38.38 8.23
CA ASP B 301 5.72 -39.75 8.70
C ASP B 301 4.29 -40.25 8.90
N PRO B 302 3.79 -41.17 8.03
CA PRO B 302 2.41 -41.67 8.10
C PRO B 302 2.04 -42.27 9.46
N ASN B 303 3.05 -42.75 10.20
CA ASN B 303 2.84 -43.45 11.48
C ASN B 303 2.55 -42.45 12.59
N ASP B 304 2.82 -41.17 12.35
CA ASP B 304 2.53 -40.08 13.31
C ASP B 304 1.02 -39.81 13.34
N PRO B 305 0.33 -39.96 14.50
CA PRO B 305 -1.11 -39.70 14.57
C PRO B 305 -1.50 -38.32 14.01
N ALA B 306 -0.60 -37.34 14.12
CA ALA B 306 -0.89 -35.94 13.76
C ALA B 306 -0.36 -35.61 12.36
N ALA B 307 -0.06 -36.61 11.54
CA ALA B 307 0.53 -36.39 10.22
C ALA B 307 -0.35 -35.44 9.37
N ASN B 308 -1.66 -35.48 9.60
CA ASN B 308 -2.63 -34.79 8.78
C ASN B 308 -2.80 -33.32 9.21
N THR B 309 -1.99 -32.83 10.16
CA THR B 309 -1.99 -31.39 10.53
C THR B 309 -0.89 -30.64 9.78
N ASN B 310 0.01 -31.38 9.11
CA ASN B 310 1.11 -30.84 8.35
C ASN B 310 2.12 -30.12 9.27
N PHE B 311 2.26 -30.56 10.51
CA PHE B 311 3.17 -29.93 11.48
C PHE B 311 4.55 -30.59 11.36
N TYR B 312 5.18 -30.34 10.20
CA TYR B 312 6.53 -30.78 9.85
C TYR B 312 6.99 -29.88 8.69
N VAL B 313 8.29 -29.88 8.40
CA VAL B 313 8.90 -28.85 7.57
C VAL B 313 8.29 -28.81 6.17
N ASP B 314 8.24 -29.94 5.47
CA ASP B 314 7.81 -29.95 4.06
C ASP B 314 6.31 -29.57 3.96
N GLY B 315 5.51 -29.97 4.96
CA GLY B 315 4.11 -29.57 5.05
C GLY B 315 3.97 -28.05 5.05
N ALA B 316 4.78 -27.40 5.87
CA ALA B 316 4.68 -25.98 6.08
C ALA B 316 5.17 -25.23 4.86
N ILE B 317 6.21 -25.74 4.19
CA ILE B 317 6.67 -25.07 2.99
C ILE B 317 5.57 -25.17 1.91
N ASN B 318 4.89 -26.33 1.80
CA ASN B 318 3.77 -26.50 0.85
C ASN B 318 2.63 -25.51 1.17
N VAL B 319 2.35 -25.28 2.45
CA VAL B 319 1.35 -24.30 2.81
C VAL B 319 1.75 -22.93 2.23
N TYR B 320 3.03 -22.57 2.32
CA TYR B 320 3.47 -21.22 1.95
C TYR B 320 3.48 -21.06 0.43
N THR B 321 3.96 -22.05 -0.31
CA THR B 321 4.06 -21.95 -1.79
C THR B 321 2.65 -21.94 -2.41
N ASN B 322 1.74 -22.71 -1.81
CA ASN B 322 0.37 -22.77 -2.27
C ASN B 322 -0.36 -21.42 -2.04
N GLU B 323 0.09 -20.56 -1.11
CA GLU B 323 -0.48 -19.21 -0.95
C GLU B 323 0.13 -18.21 -1.97
N GLY B 324 1.17 -18.65 -2.68
CA GLY B 324 1.85 -17.82 -3.68
C GLY B 324 3.21 -17.28 -3.24
N VAL B 325 3.76 -17.78 -2.13
CA VAL B 325 5.03 -17.25 -1.67
C VAL B 325 6.14 -17.83 -2.54
N PRO B 326 6.99 -17.02 -3.20
CA PRO B 326 8.12 -17.54 -3.96
C PRO B 326 9.11 -18.18 -2.97
N VAL B 327 9.64 -19.32 -3.39
CA VAL B 327 10.43 -20.18 -2.55
C VAL B 327 11.80 -19.54 -2.26
N ASP B 328 12.22 -18.56 -3.06
CA ASP B 328 13.48 -17.84 -2.84
C ASP B 328 13.35 -16.77 -1.74
N LYS B 329 12.13 -16.53 -1.25
CA LYS B 329 11.88 -15.53 -0.21
C LYS B 329 11.89 -16.11 1.22
N LEU B 330 11.96 -17.42 1.39
CA LEU B 330 11.92 -18.10 2.65
C LEU B 330 13.34 -18.46 3.07
N VAL B 331 13.63 -18.25 4.32
CA VAL B 331 14.82 -18.75 4.89
C VAL B 331 14.37 -19.79 5.91
N LEU B 332 14.92 -21.00 5.85
CA LEU B 332 14.37 -22.09 6.64
C LEU B 332 14.85 -21.98 8.09
N GLY B 333 13.93 -22.02 9.06
CA GLY B 333 14.32 -22.03 10.46
C GLY B 333 14.68 -23.42 10.94
N VAL B 334 15.75 -23.53 11.72
CA VAL B 334 16.13 -24.80 12.33
C VAL B 334 16.48 -24.56 13.79
N PRO B 335 16.22 -25.54 14.67
CA PRO B 335 16.50 -25.39 16.10
C PRO B 335 17.85 -25.95 16.56
N PHE B 336 18.49 -25.23 17.52
CA PHE B 336 19.74 -25.67 18.16
C PHE B 336 19.42 -26.18 19.57
N TYR B 337 18.21 -26.70 19.74
CA TYR B 337 17.71 -27.17 21.03
C TYR B 337 16.82 -28.40 20.79
N GLY B 338 16.42 -29.07 21.88
CA GLY B 338 15.49 -30.20 21.86
C GLY B 338 14.39 -30.02 22.88
N ARG B 339 13.31 -30.81 22.77
CA ARG B 339 12.17 -30.71 23.69
C ARG B 339 11.89 -32.09 24.29
N GLY B 340 11.52 -32.11 25.57
CA GLY B 340 11.44 -33.33 26.38
C GLY B 340 10.18 -33.42 27.21
N TRP B 341 9.65 -34.65 27.30
CA TRP B 341 8.53 -34.99 28.16
C TRP B 341 9.10 -35.82 29.31
N LYS B 342 8.48 -35.71 30.49
CA LYS B 342 8.86 -36.39 31.72
C LYS B 342 8.54 -37.90 31.70
N SER B 343 7.30 -38.27 31.38
CA SER B 343 6.87 -39.69 31.52
C SER B 343 6.04 -40.12 30.33
N CYS B 344 6.63 -41.02 29.53
CA CYS B 344 6.12 -41.41 28.26
C CYS B 344 6.10 -42.94 28.15
N GLY B 345 5.17 -43.49 27.36
CA GLY B 345 4.95 -44.94 27.18
C GLY B 345 6.08 -45.57 26.37
N LYS B 346 6.33 -46.88 26.58
CA LYS B 346 7.52 -47.55 26.04
C LYS B 346 7.27 -48.16 24.65
N GLU B 347 6.03 -48.20 24.15
CA GLU B 347 5.75 -48.81 22.80
C GLU B 347 6.38 -47.92 21.72
N ASN B 348 6.86 -48.53 20.62
CA ASN B 348 7.49 -47.84 19.49
C ASN B 348 8.71 -47.01 19.98
N ASN B 349 9.43 -47.54 20.97
CA ASN B 349 10.63 -46.97 21.56
C ASN B 349 10.34 -45.54 22.04
N GLY B 350 9.16 -45.32 22.64
CA GLY B 350 8.72 -44.03 23.19
C GLY B 350 8.04 -43.09 22.18
N GLN B 351 8.12 -43.41 20.89
CA GLN B 351 7.63 -42.53 19.80
C GLN B 351 6.10 -42.58 19.70
N TYR B 352 5.47 -41.41 19.56
CA TYR B 352 4.02 -41.24 19.32
C TYR B 352 3.21 -41.89 20.46
N GLN B 353 3.68 -41.71 21.70
CA GLN B 353 3.05 -42.34 22.86
C GLN B 353 2.41 -41.33 23.81
N PRO B 354 1.42 -41.79 24.62
CA PRO B 354 0.79 -40.95 25.65
C PRO B 354 1.79 -40.58 26.77
N CYS B 355 1.73 -39.34 27.26
CA CYS B 355 2.67 -38.87 28.31
C CYS B 355 1.83 -38.38 29.50
N LYS B 356 2.31 -38.60 30.74
CA LYS B 356 1.56 -38.26 31.96
C LYS B 356 2.30 -37.14 32.69
N PRO B 357 1.58 -36.21 33.37
CA PRO B 357 2.22 -35.12 34.10
C PRO B 357 2.92 -35.59 35.37
N GLY B 358 3.80 -34.76 35.92
CA GLY B 358 4.58 -35.12 37.10
C GLY B 358 3.93 -34.64 38.38
N SER B 359 4.68 -34.74 39.50
CA SER B 359 4.19 -34.32 40.82
C SER B 359 3.82 -32.82 40.77
N ASP B 360 4.51 -32.05 39.93
CA ASP B 360 4.32 -30.59 39.76
C ASP B 360 3.14 -30.26 38.81
N GLY B 361 2.57 -31.27 38.16
CA GLY B 361 1.44 -31.07 37.28
C GLY B 361 1.84 -30.75 35.83
N LYS B 362 3.13 -30.70 35.51
CA LYS B 362 3.56 -30.35 34.13
C LYS B 362 4.04 -31.62 33.42
N LEU B 363 3.86 -31.64 32.09
CA LEU B 363 4.23 -32.77 31.23
C LEU B 363 5.70 -32.70 30.83
N ALA B 364 6.25 -31.49 30.80
CA ALA B 364 7.58 -31.24 30.27
C ALA B 364 8.64 -31.63 31.32
N SER B 365 9.78 -32.11 30.83
CA SER B 365 10.89 -32.52 31.69
C SER B 365 11.71 -31.27 32.09
N LYS B 366 12.68 -31.47 33.00
CA LYS B 366 13.52 -30.40 33.55
C LYS B 366 14.65 -30.16 32.54
N GLY B 367 14.57 -29.06 31.79
CA GLY B 367 15.54 -28.72 30.77
C GLY B 367 16.79 -28.06 31.34
N THR B 368 17.73 -27.77 30.45
CA THR B 368 19.05 -27.33 30.77
C THR B 368 19.06 -26.15 31.75
N TRP B 369 18.28 -25.10 31.47
CA TRP B 369 18.40 -23.85 32.20
C TRP B 369 17.27 -23.70 33.22
N ASP B 370 16.46 -24.75 33.39
CA ASP B 370 15.32 -24.72 34.28
C ASP B 370 15.79 -24.74 35.72
N ASP B 371 15.04 -24.06 36.60
CA ASP B 371 15.36 -23.94 38.03
C ASP B 371 14.04 -23.72 38.79
N TYR B 372 14.15 -23.53 40.11
CA TYR B 372 12.98 -23.34 40.98
C TYR B 372 12.05 -22.22 40.47
N SER B 373 12.59 -21.16 39.86
CA SER B 373 11.76 -20.03 39.41
C SER B 373 11.08 -20.33 38.07
N THR B 374 11.73 -21.08 37.17
CA THR B 374 11.15 -21.33 35.83
C THR B 374 10.11 -22.46 35.83
N GLY B 375 10.24 -23.46 36.71
CA GLY B 375 9.47 -24.70 36.57
C GLY B 375 10.00 -25.49 35.39
N ASP B 376 9.31 -26.52 34.96
CA ASP B 376 9.86 -27.37 33.91
C ASP B 376 9.34 -26.92 32.54
N THR B 377 10.26 -26.66 31.61
CA THR B 377 9.95 -26.16 30.28
C THR B 377 10.30 -27.18 29.20
N GLY B 378 11.11 -28.18 29.54
CA GLY B 378 11.43 -29.28 28.62
C GLY B 378 12.37 -28.86 27.51
N VAL B 379 13.10 -27.77 27.69
CA VAL B 379 13.96 -27.23 26.65
C VAL B 379 15.43 -27.53 26.97
N TYR B 380 16.12 -28.18 26.04
CA TYR B 380 17.52 -28.57 26.19
C TYR B 380 18.37 -27.89 25.12
N ASP B 381 19.49 -27.27 25.50
CA ASP B 381 20.48 -26.86 24.51
C ASP B 381 21.00 -28.14 23.85
N TYR B 382 21.40 -28.08 22.56
CA TYR B 382 21.99 -29.24 21.88
C TYR B 382 23.27 -29.68 22.60
N GLY B 383 24.12 -28.71 22.98
CA GLY B 383 25.30 -28.94 23.77
C GLY B 383 25.04 -29.85 24.97
N ASP B 384 24.03 -29.49 25.78
CA ASP B 384 23.70 -30.27 26.95
C ASP B 384 23.36 -31.72 26.55
N LEU B 385 22.63 -31.89 25.45
CA LEU B 385 22.20 -33.20 25.01
C LEU B 385 23.44 -34.02 24.63
N ALA B 386 24.32 -33.43 23.82
CA ALA B 386 25.46 -34.14 23.22
C ALA B 386 26.49 -34.53 24.29
N ALA B 387 26.64 -33.68 25.31
CA ALA B 387 27.58 -33.93 26.41
C ALA B 387 26.99 -34.89 27.44
N ASN B 388 25.68 -34.87 27.67
CA ASN B 388 25.15 -35.64 28.80
C ASN B 388 23.98 -36.56 28.46
N TYR B 389 23.36 -36.49 27.27
CA TYR B 389 22.17 -37.31 27.09
C TYR B 389 22.27 -38.32 25.95
N VAL B 390 23.01 -38.02 24.88
CA VAL B 390 23.00 -38.90 23.70
C VAL B 390 23.76 -40.17 24.05
N ASN B 391 23.02 -41.28 24.17
CA ASN B 391 23.60 -42.60 24.52
C ASN B 391 24.35 -42.50 25.85
N LYS B 392 23.79 -41.78 26.82
CA LYS B 392 24.36 -41.69 28.15
C LYS B 392 23.24 -41.64 29.19
N ASN B 393 23.60 -41.94 30.44
CA ASN B 393 22.69 -41.82 31.58
C ASN B 393 21.35 -42.51 31.33
N GLY B 394 21.37 -43.61 30.56
CA GLY B 394 20.17 -44.42 30.32
C GLY B 394 19.36 -44.00 29.09
N PHE B 395 19.73 -42.90 28.43
CA PHE B 395 19.03 -42.48 27.24
C PHE B 395 19.65 -43.16 26.04
N VAL B 396 18.79 -43.70 25.16
CA VAL B 396 19.22 -44.38 23.94
C VAL B 396 18.79 -43.51 22.75
N ARG B 397 19.69 -43.35 21.77
CA ARG B 397 19.37 -42.62 20.54
C ARG B 397 18.68 -43.56 19.55
N TYR B 398 17.55 -43.12 18.99
CA TYR B 398 16.89 -43.77 17.89
C TYR B 398 16.80 -42.79 16.73
N TRP B 399 16.70 -43.34 15.51
CA TRP B 399 16.61 -42.55 14.29
C TRP B 399 15.34 -42.90 13.52
N ASN B 400 14.48 -41.89 13.27
CA ASN B 400 13.33 -42.03 12.37
C ASN B 400 13.79 -41.75 10.93
N ASP B 401 13.92 -42.81 10.12
CA ASP B 401 14.48 -42.65 8.77
C ASP B 401 13.42 -42.19 7.77
N THR B 402 12.16 -42.05 8.21
CA THR B 402 11.12 -41.44 7.37
C THR B 402 11.06 -39.92 7.61
N ALA B 403 10.92 -39.53 8.88
CA ALA B 403 10.87 -38.12 9.28
C ALA B 403 12.23 -37.45 9.14
N LYS B 404 13.32 -38.25 9.21
CA LYS B 404 14.74 -37.85 9.10
C LYS B 404 15.19 -37.08 10.34
N VAL B 405 14.67 -37.44 11.54
CA VAL B 405 15.13 -36.80 12.76
C VAL B 405 15.37 -37.84 13.85
N PRO B 406 16.32 -37.57 14.77
CA PRO B 406 16.63 -38.42 15.91
C PRO B 406 15.80 -38.13 17.17
N TYR B 407 15.92 -38.98 18.20
CA TYR B 407 15.27 -38.77 19.46
C TYR B 407 15.88 -39.71 20.51
N LEU B 408 15.84 -39.28 21.78
CA LEU B 408 16.36 -40.04 22.87
C LEU B 408 15.18 -40.57 23.69
N TYR B 409 15.32 -41.80 24.21
CA TYR B 409 14.32 -42.35 25.12
C TYR B 409 15.01 -43.14 26.23
N ASN B 410 14.63 -42.86 27.48
CA ASN B 410 15.15 -43.56 28.62
C ASN B 410 14.03 -44.49 29.11
N ALA B 411 14.23 -45.79 28.94
CA ALA B 411 13.19 -46.77 29.20
C ALA B 411 12.85 -46.79 30.69
N THR B 412 13.80 -46.37 31.54
CA THR B 412 13.67 -46.52 32.97
C THR B 412 12.84 -45.36 33.56
N THR B 413 13.22 -44.11 33.26
CA THR B 413 12.52 -42.93 33.76
C THR B 413 11.25 -42.68 32.93
N GLY B 414 11.28 -43.11 31.68
CA GLY B 414 10.20 -42.81 30.72
C GLY B 414 10.34 -41.46 30.02
N THR B 415 11.50 -40.81 30.18
CA THR B 415 11.71 -39.47 29.61
C THR B 415 12.03 -39.59 28.12
N PHE B 416 11.32 -38.78 27.31
CA PHE B 416 11.44 -38.75 25.84
C PHE B 416 11.94 -37.36 25.41
N ILE B 417 12.92 -37.31 24.50
CA ILE B 417 13.46 -36.03 24.02
C ILE B 417 13.57 -36.04 22.51
N SER B 418 12.92 -35.06 21.86
CA SER B 418 13.05 -34.83 20.42
C SER B 418 14.15 -33.79 20.24
N TYR B 419 15.04 -33.98 19.26
CA TYR B 419 16.12 -33.04 19.06
C TYR B 419 16.62 -33.10 17.62
N ASP B 420 17.53 -32.17 17.29
CA ASP B 420 18.16 -32.12 15.98
C ASP B 420 19.67 -32.20 16.20
N ASP B 421 20.33 -33.01 15.37
CA ASP B 421 21.78 -33.24 15.43
C ASP B 421 22.38 -32.97 14.04
N ASN B 422 23.68 -33.25 13.89
CA ASN B 422 24.42 -32.99 12.66
C ASN B 422 23.83 -33.77 11.49
N GLU B 423 23.35 -35.00 11.75
CA GLU B 423 22.80 -35.87 10.69
C GLU B 423 21.51 -35.25 10.15
N SER B 424 20.58 -34.91 11.04
CA SER B 424 19.31 -34.33 10.67
C SER B 424 19.50 -32.95 10.05
N MET B 425 20.50 -32.20 10.52
CA MET B 425 20.82 -30.89 10.00
C MET B 425 21.31 -31.01 8.54
N LYS B 426 22.00 -32.10 8.21
CA LYS B 426 22.54 -32.29 6.87
C LYS B 426 21.37 -32.56 5.91
N TYR B 427 20.39 -33.34 6.35
CA TYR B 427 19.18 -33.58 5.55
C TYR B 427 18.44 -32.25 5.31
N LYS B 428 18.39 -31.37 6.31
CA LYS B 428 17.69 -30.09 6.18
C LYS B 428 18.41 -29.14 5.21
N THR B 429 19.75 -29.16 5.22
CA THR B 429 20.54 -28.35 4.29
C THR B 429 20.36 -28.87 2.86
N ASP B 430 20.21 -30.19 2.69
CA ASP B 430 19.94 -30.81 1.38
C ASP B 430 18.56 -30.35 0.90
N TYR B 431 17.59 -30.28 1.80
CA TYR B 431 16.25 -29.80 1.48
C TYR B 431 16.30 -28.33 1.04
N ILE B 432 17.04 -27.50 1.77
CA ILE B 432 17.12 -26.10 1.43
C ILE B 432 17.65 -25.99 0.01
N LYS B 433 18.65 -26.79 -0.35
CA LYS B 433 19.27 -26.63 -1.67
C LYS B 433 18.36 -27.19 -2.77
N THR B 434 17.63 -28.28 -2.48
CA THR B 434 16.76 -28.94 -3.47
C THR B 434 15.51 -28.08 -3.75
N LYS B 435 14.89 -27.53 -2.71
CA LYS B 435 13.61 -26.85 -2.85
C LYS B 435 13.79 -25.43 -3.37
N GLY B 436 15.00 -24.88 -3.27
CA GLY B 436 15.31 -23.55 -3.77
C GLY B 436 15.11 -22.45 -2.73
N LEU B 437 15.11 -22.81 -1.43
CA LEU B 437 15.02 -21.83 -0.36
C LEU B 437 16.33 -21.02 -0.36
N SER B 438 16.33 -19.87 0.31
CA SER B 438 17.47 -18.98 0.14
C SER B 438 18.39 -18.97 1.36
N GLY B 439 18.19 -19.88 2.32
CA GLY B 439 19.13 -19.95 3.41
C GLY B 439 18.58 -20.67 4.62
N ALA B 440 19.29 -20.49 5.75
CA ALA B 440 18.90 -21.10 7.01
C ALA B 440 18.99 -20.08 8.14
N MET B 441 18.00 -20.11 9.02
CA MET B 441 17.92 -19.31 10.22
C MET B 441 17.94 -20.30 11.37
N PHE B 442 18.57 -19.94 12.49
CA PHE B 442 18.64 -20.88 13.60
C PHE B 442 18.46 -20.13 14.94
N TRP B 443 17.80 -20.84 15.86
CA TRP B 443 17.57 -20.42 17.23
C TRP B 443 18.15 -21.49 18.16
N GLU B 444 19.14 -21.13 18.99
CA GLU B 444 19.85 -19.86 18.93
C GLU B 444 21.34 -20.12 19.15
N LEU B 445 22.19 -19.09 19.01
CA LEU B 445 23.68 -19.28 18.99
C LEU B 445 24.23 -19.94 20.26
N SER B 446 23.64 -19.66 21.43
CA SER B 446 24.18 -20.13 22.69
C SER B 446 23.92 -21.62 22.94
N GLY B 447 23.11 -22.27 22.10
CA GLY B 447 22.69 -23.65 22.35
C GLY B 447 23.52 -24.68 21.60
N ASP B 448 24.46 -24.22 20.77
CA ASP B 448 25.33 -25.11 20.02
C ASP B 448 26.37 -25.76 20.96
N CYS B 449 27.11 -26.77 20.49
CA CYS B 449 28.17 -27.39 21.31
C CYS B 449 29.24 -26.38 21.70
N ARG B 450 29.27 -26.00 22.97
CA ARG B 450 30.28 -25.14 23.48
C ARG B 450 30.65 -25.61 24.88
N THR B 451 31.58 -24.89 25.53
CA THR B 451 31.74 -25.04 26.97
C THR B 451 30.93 -23.93 27.63
N SER B 452 30.11 -24.32 28.61
CA SER B 452 29.20 -23.42 29.32
C SER B 452 29.22 -23.72 30.81
N PRO B 453 28.75 -22.77 31.65
CA PRO B 453 28.63 -23.01 33.10
C PRO B 453 27.95 -24.34 33.52
N LYS B 454 27.14 -24.95 32.64
CA LYS B 454 26.35 -26.15 33.05
C LYS B 454 26.69 -27.38 32.18
N TYR B 455 27.54 -27.26 31.17
CA TYR B 455 27.95 -28.46 30.42
C TYR B 455 29.18 -28.12 29.60
N SER B 456 29.94 -29.14 29.20
CA SER B 456 31.05 -28.97 28.28
C SER B 456 30.94 -29.97 27.12
N CYS B 457 30.54 -29.50 25.93
CA CYS B 457 30.42 -30.33 24.75
C CYS B 457 31.66 -30.12 23.89
N SER B 458 32.33 -31.21 23.51
CA SER B 458 33.57 -31.11 22.75
C SER B 458 33.41 -31.59 21.29
N GLY B 459 32.26 -32.17 20.96
CA GLY B 459 32.03 -32.77 19.65
C GLY B 459 31.78 -31.76 18.52
N PRO B 460 31.39 -32.25 17.32
CA PRO B 460 31.06 -31.40 16.16
C PRO B 460 29.86 -30.46 16.39
N LYS B 461 29.89 -29.32 15.70
CA LYS B 461 28.98 -28.18 15.92
C LYS B 461 27.94 -28.09 14.81
N LEU B 462 26.68 -27.97 15.20
CA LEU B 462 25.61 -27.82 14.23
C LEU B 462 25.97 -26.73 13.22
N LEU B 463 26.48 -25.59 13.72
CA LEU B 463 26.73 -24.44 12.91
C LEU B 463 27.77 -24.75 11.82
N ASP B 464 28.78 -25.57 12.13
CA ASP B 464 29.81 -25.91 11.09
C ASP B 464 29.15 -26.75 9.99
N THR B 465 28.12 -27.53 10.35
CA THR B 465 27.36 -28.31 9.35
C THR B 465 26.63 -27.36 8.38
N LEU B 466 26.00 -26.30 8.91
CA LEU B 466 25.30 -25.34 8.06
C LEU B 466 26.28 -24.61 7.13
N VAL B 467 27.47 -24.30 7.65
CA VAL B 467 28.47 -23.56 6.90
C VAL B 467 29.01 -24.44 5.77
N LYS B 468 29.42 -25.68 6.11
CA LYS B 468 30.01 -26.61 5.15
C LYS B 468 28.99 -26.86 4.04
N GLU B 469 27.73 -27.01 4.41
CA GLU B 469 26.73 -27.48 3.46
C GLU B 469 26.15 -26.32 2.63
N LEU B 470 26.00 -25.12 3.21
CA LEU B 470 25.31 -24.06 2.52
C LEU B 470 26.30 -23.06 1.92
N LEU B 471 27.48 -22.89 2.54
CA LEU B 471 28.44 -21.92 2.01
C LEU B 471 29.69 -22.59 1.42
N GLY B 472 30.00 -23.81 1.84
CA GLY B 472 31.19 -24.51 1.37
C GLY B 472 32.38 -24.30 2.30
N GLY B 473 32.37 -23.21 3.07
CA GLY B 473 33.39 -22.91 4.03
C GLY B 473 33.21 -21.50 4.59
N PRO B 474 33.96 -21.13 5.65
CA PRO B 474 33.79 -19.84 6.31
C PRO B 474 33.89 -18.66 5.33
N ILE B 475 33.19 -17.55 5.62
CA ILE B 475 33.21 -16.41 4.72
C ILE B 475 34.49 -15.59 4.96
N ASN B 476 35.19 -15.27 3.87
CA ASN B 476 36.44 -14.51 3.92
C ASN B 476 36.35 -13.38 2.90
N GLN B 477 35.54 -12.37 3.21
CA GLN B 477 35.26 -11.29 2.29
C GLN B 477 35.74 -9.98 2.91
N LYS B 478 36.05 -9.04 2.01
CA LYS B 478 36.47 -7.72 2.32
C LYS B 478 35.23 -6.86 2.60
N ASP B 479 35.48 -5.64 3.09
CA ASP B 479 34.45 -4.64 3.28
C ASP B 479 33.87 -4.27 1.89
N THR B 480 32.56 -4.43 1.73
CA THR B 480 31.83 -4.03 0.54
C THR B 480 30.80 -2.95 0.87
N GLU B 481 30.63 -2.66 2.17
CA GLU B 481 29.66 -1.72 2.70
C GLU B 481 30.24 -0.32 2.64
N PRO B 482 29.70 0.65 1.87
CA PRO B 482 30.27 1.99 1.86
C PRO B 482 29.90 2.74 3.13
N PRO B 483 30.66 3.79 3.51
CA PRO B 483 30.25 4.70 4.58
C PRO B 483 29.02 5.53 4.21
N THR B 484 28.36 6.06 5.21
CA THR B 484 27.12 6.80 5.05
C THR B 484 27.40 8.21 4.53
N ASN B 485 26.39 8.81 3.89
CA ASN B 485 26.45 10.15 3.28
C ASN B 485 26.77 11.23 4.33
N VAL B 486 27.52 12.25 3.92
CA VAL B 486 27.88 13.36 4.78
C VAL B 486 26.65 14.25 4.96
N LYS B 487 26.46 14.75 6.19
CA LYS B 487 25.29 15.51 6.63
C LYS B 487 25.70 16.77 7.38
N ASN B 488 24.84 17.78 7.27
CA ASN B 488 24.86 19.02 8.01
C ASN B 488 26.19 19.75 7.77
N ILE B 489 26.57 19.89 6.50
CA ILE B 489 27.71 20.71 6.17
C ILE B 489 27.40 22.16 6.56
N VAL B 490 28.26 22.80 7.36
CA VAL B 490 28.06 24.22 7.72
C VAL B 490 29.37 24.99 7.56
N VAL B 491 29.25 26.30 7.36
CA VAL B 491 30.37 27.23 7.33
C VAL B 491 30.57 27.79 8.76
N THR B 492 31.66 27.37 9.39
CA THR B 492 32.04 27.78 10.75
C THR B 492 32.66 29.19 10.72
N ASN B 493 33.48 29.48 9.70
CA ASN B 493 34.14 30.79 9.58
C ASN B 493 34.44 31.04 8.09
N LYS B 494 34.45 32.30 7.68
CA LYS B 494 34.64 32.74 6.28
C LYS B 494 35.61 33.91 6.26
N ASN B 495 36.34 34.01 5.14
CA ASN B 495 37.41 34.93 4.89
C ASN B 495 37.22 35.45 3.45
N SER B 496 38.04 36.41 3.03
CA SER B 496 38.04 36.80 1.63
C SER B 496 38.67 35.66 0.80
N ASN B 497 39.63 34.94 1.41
CA ASN B 497 40.40 33.91 0.73
C ASN B 497 40.31 32.54 1.43
N SER B 498 39.44 32.35 2.44
CA SER B 498 39.40 31.03 3.13
C SER B 498 38.00 30.66 3.65
N VAL B 499 37.79 29.37 3.90
CA VAL B 499 36.53 28.86 4.45
C VAL B 499 36.83 27.73 5.44
N GLN B 500 36.09 27.68 6.55
CA GLN B 500 36.20 26.58 7.49
C GLN B 500 34.87 25.82 7.50
N LEU B 501 34.91 24.55 7.06
CA LEU B 501 33.74 23.69 6.93
C LEU B 501 33.76 22.64 8.05
N ASN B 502 32.56 22.33 8.58
CA ASN B 502 32.34 21.32 9.60
C ASN B 502 31.15 20.49 9.15
N TRP B 503 31.10 19.20 9.52
CA TRP B 503 29.98 18.33 9.18
C TRP B 503 29.85 17.22 10.22
N THR B 504 28.67 16.60 10.31
CA THR B 504 28.48 15.49 11.19
C THR B 504 29.30 14.32 10.66
N ALA B 505 30.02 13.62 11.54
CA ALA B 505 30.83 12.48 11.14
C ALA B 505 29.95 11.37 10.56
N SER B 506 30.40 10.80 9.44
CA SER B 506 29.77 9.63 8.80
C SER B 506 30.09 8.37 9.62
N THR B 507 29.41 7.26 9.32
CA THR B 507 29.72 6.00 10.02
C THR B 507 30.06 4.94 8.97
N ASP B 508 30.85 3.93 9.40
CA ASP B 508 31.14 2.76 8.59
C ASP B 508 31.13 1.52 9.47
N ASN B 509 30.99 0.37 8.81
CA ASN B 509 31.01 -0.89 9.45
C ASN B 509 32.44 -1.19 9.94
N VAL B 510 33.48 -0.74 9.23
CA VAL B 510 34.89 -0.94 9.65
C VAL B 510 35.48 0.38 10.15
N GLY B 511 35.16 1.50 9.49
CA GLY B 511 35.49 2.85 9.98
C GLY B 511 35.76 3.81 8.85
N VAL B 512 35.60 5.12 9.09
CA VAL B 512 35.77 6.17 8.09
C VAL B 512 37.22 6.66 8.10
N THR B 513 37.97 6.39 7.01
CA THR B 513 39.41 6.74 6.89
C THR B 513 39.61 8.22 6.52
N GLU B 514 38.86 8.76 5.56
CA GLU B 514 39.01 10.20 5.20
C GLU B 514 37.79 10.75 4.46
N TYR B 515 37.78 12.08 4.30
CA TYR B 515 36.79 12.80 3.56
C TYR B 515 37.46 13.55 2.40
N GLU B 516 36.99 13.34 1.17
CA GLU B 516 37.48 14.06 0.00
C GLU B 516 36.47 15.16 -0.37
N ILE B 517 36.98 16.38 -0.57
CA ILE B 517 36.18 17.52 -0.93
C ILE B 517 36.62 18.00 -2.33
N THR B 518 35.67 18.12 -3.27
CA THR B 518 35.96 18.64 -4.63
C THR B 518 35.14 19.90 -4.92
N ALA B 519 35.72 20.78 -5.75
CA ALA B 519 35.10 21.98 -6.27
C ALA B 519 35.78 22.35 -7.59
N GLY B 520 35.01 22.28 -8.69
CA GLY B 520 35.56 22.43 -10.03
C GLY B 520 36.73 21.51 -10.24
N GLU B 521 37.89 22.10 -10.57
CA GLU B 521 39.15 21.40 -10.89
C GLU B 521 39.89 20.98 -9.60
N GLU B 522 39.64 21.64 -8.46
CA GLU B 522 40.46 21.45 -7.24
C GLU B 522 39.92 20.31 -6.38
N LYS B 523 40.75 19.85 -5.43
CA LYS B 523 40.45 18.68 -4.59
C LYS B 523 41.22 18.79 -3.27
N TRP B 524 40.60 18.37 -2.16
CA TRP B 524 41.20 18.41 -0.81
C TRP B 524 40.74 17.18 -0.02
N SER B 525 41.34 16.86 1.11
CA SER B 525 41.26 15.59 1.87
C SER B 525 41.51 15.93 3.35
N THR B 526 40.86 15.18 4.26
CA THR B 526 41.07 15.31 5.70
C THR B 526 40.66 14.01 6.39
N THR B 527 41.29 13.70 7.53
CA THR B 527 41.01 12.44 8.28
C THR B 527 39.95 12.68 9.37
N THR B 528 39.48 13.93 9.47
CA THR B 528 38.44 14.29 10.43
C THR B 528 37.32 15.03 9.70
N ASN B 529 36.20 15.21 10.38
CA ASN B 529 35.02 15.84 9.81
C ASN B 529 35.11 17.37 9.93
N SER B 530 36.20 17.97 9.48
CA SER B 530 36.33 19.43 9.45
C SER B 530 37.51 19.75 8.54
N ILE B 531 37.51 20.93 7.92
CA ILE B 531 38.67 21.29 7.10
C ILE B 531 38.77 22.81 7.03
N THR B 532 39.99 23.29 6.84
CA THR B 532 40.20 24.69 6.53
C THR B 532 40.82 24.76 5.14
N ILE B 533 40.15 25.47 4.23
CA ILE B 533 40.59 25.58 2.85
C ILE B 533 41.05 27.01 2.55
N LYS B 534 42.27 27.14 2.06
CA LYS B 534 42.94 28.43 1.88
C LYS B 534 43.23 28.64 0.38
N ASN B 535 43.70 29.86 0.06
CA ASN B 535 44.12 30.25 -1.30
C ASN B 535 42.95 30.18 -2.27
N LEU B 536 41.85 30.84 -1.90
CA LEU B 536 40.63 30.87 -2.70
C LEU B 536 40.46 32.29 -3.26
N LYS B 537 39.92 32.37 -4.49
CA LYS B 537 39.60 33.64 -5.18
C LYS B 537 38.55 34.41 -4.37
N PRO B 538 38.78 35.70 -4.03
CA PRO B 538 37.79 36.50 -3.30
C PRO B 538 36.50 36.77 -4.07
N ASN B 539 35.40 36.88 -3.31
CA ASN B 539 34.09 37.22 -3.85
C ASN B 539 33.67 36.19 -4.92
N THR B 540 34.05 34.91 -4.71
CA THR B 540 33.74 33.84 -5.68
C THR B 540 32.83 32.80 -5.02
N GLU B 541 31.92 32.28 -5.84
CA GLU B 541 31.03 31.21 -5.48
C GLU B 541 31.77 29.88 -5.70
N TYR B 542 31.73 29.02 -4.68
CA TYR B 542 32.27 27.66 -4.76
C TYR B 542 31.18 26.69 -4.33
N THR B 543 31.10 25.55 -5.02
CA THR B 543 30.22 24.44 -4.60
C THR B 543 31.08 23.26 -4.14
N PHE B 544 31.04 22.97 -2.83
CA PHE B 544 31.93 21.94 -2.23
C PHE B 544 31.16 20.63 -2.09
N SER B 545 31.69 19.58 -2.74
CA SER B 545 31.12 18.25 -2.68
C SER B 545 32.00 17.40 -1.79
N ILE B 546 31.41 16.76 -0.78
CA ILE B 546 32.13 15.96 0.20
C ILE B 546 31.64 14.51 0.15
N ILE B 547 32.57 13.57 0.08
CA ILE B 547 32.35 12.11 0.06
C ILE B 547 33.13 11.51 1.24
N ALA B 548 32.64 10.41 1.83
CA ALA B 548 33.35 9.68 2.90
C ALA B 548 33.93 8.36 2.35
N LYS B 549 35.18 8.05 2.71
CA LYS B 549 35.88 6.84 2.24
C LYS B 549 36.15 5.90 3.42
N ASP B 550 36.26 4.62 3.11
CA ASP B 550 36.75 3.61 4.03
C ASP B 550 38.06 2.99 3.47
N ALA B 551 38.68 2.11 4.25
CA ALA B 551 39.99 1.59 3.91
C ALA B 551 39.90 0.66 2.67
N ALA B 552 38.87 -0.18 2.60
CA ALA B 552 38.70 -1.08 1.46
C ALA B 552 38.45 -0.29 0.17
N GLY B 553 38.15 1.01 0.26
CA GLY B 553 38.07 1.86 -0.90
C GLY B 553 36.64 2.22 -1.30
N ASN B 554 35.65 1.72 -0.56
CA ASN B 554 34.25 2.13 -0.76
C ASN B 554 34.11 3.65 -0.54
N LYS B 555 33.04 4.23 -1.09
CA LYS B 555 32.77 5.65 -0.87
C LYS B 555 31.27 5.93 -0.88
N SER B 556 30.91 7.00 -0.17
CA SER B 556 29.57 7.52 -0.10
C SER B 556 29.29 8.30 -1.38
N GLN B 557 28.02 8.69 -1.56
CA GLN B 557 27.65 9.55 -2.68
C GLN B 557 27.73 11.01 -2.22
N PRO B 558 28.16 11.94 -3.10
CA PRO B 558 28.51 13.30 -2.71
C PRO B 558 27.32 14.06 -2.09
N THR B 559 27.60 15.00 -1.21
CA THR B 559 26.68 15.94 -0.66
C THR B 559 27.36 17.29 -0.82
N ALA B 560 26.62 18.38 -1.01
CA ALA B 560 27.33 19.62 -1.31
C ALA B 560 26.77 20.81 -0.54
N LEU B 561 27.54 21.90 -0.57
CA LEU B 561 27.13 23.18 -0.03
C LEU B 561 27.79 24.29 -0.86
N THR B 562 27.03 25.36 -1.09
CA THR B 562 27.40 26.48 -1.91
C THR B 562 27.79 27.63 -0.99
N VAL B 563 29.03 28.12 -1.14
CA VAL B 563 29.54 29.15 -0.26
C VAL B 563 30.12 30.30 -1.09
N LYS B 564 29.86 31.55 -0.68
CA LYS B 564 30.46 32.72 -1.36
C LYS B 564 31.57 33.30 -0.48
N THR B 565 32.78 33.45 -1.02
CA THR B 565 33.87 34.08 -0.24
C THR B 565 33.57 35.57 -0.04
N ASP B 566 34.19 36.16 0.98
CA ASP B 566 34.03 37.58 1.31
C ASP B 566 34.79 38.43 0.28
N GLU B 567 34.36 39.69 0.14
CA GLU B 567 35.07 40.71 -0.63
C GLU B 567 35.96 41.48 0.36
N THR B 578 18.07 38.27 12.76
CA THR B 578 18.41 36.86 12.85
C THR B 578 17.34 36.02 12.13
N ALA B 579 17.79 35.27 11.12
CA ALA B 579 17.05 34.20 10.46
C ALA B 579 18.01 33.01 10.30
N THR B 580 17.72 31.87 10.95
CA THR B 580 18.71 30.76 11.02
C THR B 580 18.22 29.57 10.17
N PHE B 581 18.99 29.23 9.12
CA PHE B 581 18.62 28.23 8.11
C PHE B 581 19.29 26.87 8.42
N SER B 582 18.49 25.83 8.63
CA SER B 582 18.97 24.46 8.93
C SER B 582 18.36 23.48 7.92
N VAL B 583 19.13 22.44 7.55
CA VAL B 583 18.68 21.38 6.61
C VAL B 583 18.21 20.18 7.46
N THR B 584 16.94 19.80 7.32
CA THR B 584 16.29 18.77 8.19
C THR B 584 16.46 17.36 7.62
N SER B 585 16.38 17.21 6.29
CA SER B 585 16.55 15.93 5.59
C SER B 585 17.26 16.20 4.26
N ASN B 586 18.09 15.25 3.79
CA ASN B 586 18.93 15.52 2.61
C ASN B 586 19.13 14.23 1.79
N TRP B 587 18.33 14.05 0.72
CA TRP B 587 18.57 13.04 -0.34
C TRP B 587 19.42 13.72 -1.41
N GLY B 588 19.85 13.05 -2.47
CA GLY B 588 20.82 13.71 -3.39
C GLY B 588 20.27 14.98 -4.08
N SER B 589 19.12 14.82 -4.76
CA SER B 589 18.53 15.80 -5.68
C SER B 589 17.96 17.03 -4.94
N GLY B 590 17.41 16.82 -3.73
CA GLY B 590 16.70 17.87 -3.00
C GLY B 590 16.83 17.70 -1.49
N TYR B 591 16.28 18.65 -0.73
CA TYR B 591 16.40 18.63 0.72
C TYR B 591 15.21 19.34 1.34
N ASN B 592 14.93 19.02 2.60
CA ASN B 592 13.95 19.74 3.42
C ASN B 592 14.76 20.71 4.28
N PHE B 593 14.18 21.89 4.56
CA PHE B 593 14.90 22.91 5.32
C PHE B 593 14.01 23.40 6.49
N SER B 594 14.53 24.42 7.19
CA SER B 594 13.87 25.04 8.32
C SER B 594 14.51 26.41 8.55
N ILE B 595 13.69 27.40 8.89
CA ILE B 595 14.14 28.76 9.24
C ILE B 595 13.47 29.14 10.57
N ILE B 596 14.27 29.65 11.50
CA ILE B 596 13.81 30.28 12.74
C ILE B 596 13.95 31.80 12.55
N ILE B 597 12.84 32.54 12.72
CA ILE B 597 12.81 34.02 12.65
C ILE B 597 12.75 34.56 14.08
N LYS B 598 13.88 35.07 14.59
CA LYS B 598 13.95 35.62 15.95
C LYS B 598 13.64 37.12 15.86
N ASN B 599 12.89 37.62 16.84
CA ASN B 599 12.68 39.05 17.04
C ASN B 599 13.77 39.52 18.01
N ASN B 600 14.68 40.39 17.53
CA ASN B 600 15.80 40.89 18.34
C ASN B 600 15.54 42.38 18.59
N GLY B 601 14.27 42.68 18.85
CA GLY B 601 13.75 44.01 19.10
C GLY B 601 12.78 44.00 20.27
N THR B 602 12.43 45.20 20.74
CA THR B 602 11.64 45.41 21.96
C THR B 602 10.15 45.23 21.68
N THR B 603 9.70 45.73 20.51
CA THR B 603 8.27 45.69 20.10
C THR B 603 7.98 44.38 19.35
N PRO B 604 6.73 43.85 19.47
CA PRO B 604 6.34 42.65 18.71
C PRO B 604 6.27 42.94 17.21
N ILE B 605 6.57 41.96 16.36
CA ILE B 605 6.47 42.12 14.90
C ILE B 605 5.06 41.71 14.44
N LYS B 606 4.38 42.58 13.69
CA LYS B 606 3.05 42.30 13.11
C LYS B 606 3.16 42.27 11.59
N ASN B 607 2.53 41.28 10.93
CA ASN B 607 2.61 41.10 9.48
C ASN B 607 4.10 41.03 9.07
N TRP B 608 4.78 39.98 9.57
CA TRP B 608 6.23 39.78 9.32
C TRP B 608 6.51 39.38 7.86
N LYS B 609 7.60 39.94 7.33
CA LYS B 609 8.13 39.69 5.98
C LYS B 609 9.64 39.43 6.11
N LEU B 610 10.18 38.50 5.31
CA LEU B 610 11.61 38.09 5.34
C LEU B 610 12.21 38.26 3.93
N GLU B 611 13.30 39.05 3.84
CA GLU B 611 14.03 39.27 2.59
C GLU B 611 15.49 38.82 2.78
N PHE B 612 15.98 37.97 1.86
CA PHE B 612 17.34 37.42 1.95
C PHE B 612 17.81 37.01 0.55
N ASP B 613 19.13 36.80 0.41
CA ASP B 613 19.78 36.26 -0.81
C ASP B 613 20.22 34.81 -0.53
N TYR B 614 19.94 33.89 -1.45
CA TYR B 614 20.28 32.47 -1.33
C TYR B 614 20.68 31.94 -2.70
N SER B 615 21.89 31.37 -2.83
CA SER B 615 22.36 30.82 -4.12
C SER B 615 21.91 29.35 -4.25
N GLY B 616 20.60 29.15 -4.34
CA GLY B 616 19.96 27.84 -4.52
C GLY B 616 18.47 28.00 -4.80
N ASN B 617 17.82 26.95 -5.32
CA ASN B 617 16.40 27.03 -5.69
C ASN B 617 15.51 26.50 -4.55
N LEU B 618 14.87 27.40 -3.81
CA LEU B 618 13.86 26.98 -2.81
C LEU B 618 12.55 26.67 -3.56
N THR B 619 11.97 25.50 -3.30
CA THR B 619 10.88 24.94 -4.12
C THR B 619 9.51 25.10 -3.40
N GLN B 620 9.38 24.60 -2.16
CA GLN B 620 8.10 24.55 -1.44
C GLN B 620 8.30 25.10 -0.01
N VAL B 621 7.29 25.81 0.51
CA VAL B 621 7.33 26.42 1.87
C VAL B 621 6.01 26.10 2.58
N TRP B 622 6.07 25.91 3.91
CA TRP B 622 4.91 25.67 4.77
C TRP B 622 4.84 26.80 5.80
N ASP B 623 3.61 27.21 6.15
CA ASP B 623 3.30 28.29 7.11
C ASP B 623 3.88 29.63 6.60
N SER B 624 4.06 29.73 5.28
CA SER B 624 4.58 30.91 4.57
C SER B 624 4.38 30.71 3.06
N LYS B 625 4.49 31.79 2.28
CA LYS B 625 4.50 31.73 0.82
C LYS B 625 5.78 32.43 0.33
N ILE B 626 6.25 32.10 -0.87
CA ILE B 626 7.37 32.82 -1.50
C ILE B 626 6.77 33.98 -2.31
N SER B 627 6.97 35.23 -1.85
CA SER B 627 6.44 36.39 -2.57
C SER B 627 7.14 36.52 -3.95
N SER B 628 8.47 36.43 -3.97
CA SER B 628 9.25 36.54 -5.23
C SER B 628 10.62 35.87 -5.06
N LYS B 629 11.23 35.52 -6.21
CA LYS B 629 12.60 35.00 -6.32
C LYS B 629 13.22 35.66 -7.58
N THR B 630 13.76 36.88 -7.39
CA THR B 630 14.40 37.66 -8.46
C THR B 630 15.93 37.69 -8.26
N ASN B 631 16.69 37.26 -9.27
CA ASN B 631 18.17 37.33 -9.30
C ASN B 631 18.76 36.70 -8.02
N ASN B 632 18.22 35.53 -7.62
CA ASN B 632 18.65 34.74 -6.43
C ASN B 632 18.41 35.52 -5.12
N HIS B 633 17.40 36.40 -5.12
CA HIS B 633 16.91 37.12 -3.92
C HIS B 633 15.50 36.61 -3.61
N TYR B 634 15.23 36.25 -2.35
CA TYR B 634 13.94 35.63 -1.98
C TYR B 634 13.17 36.52 -1.00
N VAL B 635 11.91 36.81 -1.33
CA VAL B 635 10.97 37.51 -0.46
C VAL B 635 9.97 36.46 0.06
N ILE B 636 9.79 36.38 1.39
CA ILE B 636 8.85 35.41 1.99
C ILE B 636 7.82 36.18 2.82
N THR B 637 6.58 35.67 2.86
CA THR B 637 5.47 36.23 3.65
C THR B 637 4.74 35.09 4.39
N ASN B 638 3.93 35.46 5.39
CA ASN B 638 3.26 34.54 6.33
C ASN B 638 1.92 34.06 5.76
N ALA B 639 1.32 33.08 6.46
CA ALA B 639 0.05 32.42 6.13
C ALA B 639 -1.10 33.02 6.97
N GLY B 640 -0.92 34.26 7.46
CA GLY B 640 -1.98 35.03 8.16
C GLY B 640 -2.07 34.72 9.64
N TRP B 641 -2.32 33.44 9.96
CA TRP B 641 -2.55 32.97 11.33
C TRP B 641 -1.28 33.10 12.19
N ASN B 642 -0.11 33.11 11.54
CA ASN B 642 1.19 33.15 12.23
C ASN B 642 1.94 34.45 11.87
N GLY B 643 1.18 35.54 11.67
CA GLY B 643 1.69 36.84 11.25
C GLY B 643 2.45 37.61 12.32
N GLU B 644 2.09 37.45 13.60
CA GLU B 644 2.64 38.30 14.69
C GLU B 644 3.68 37.54 15.52
N ILE B 645 4.87 38.13 15.67
CA ILE B 645 5.99 37.62 16.47
C ILE B 645 6.20 38.51 17.70
N PRO B 646 6.22 37.95 18.93
CA PRO B 646 6.55 38.72 20.14
C PRO B 646 8.03 39.14 20.12
N SER B 647 8.38 40.29 20.71
CA SER B 647 9.78 40.71 20.73
C SER B 647 10.58 39.68 21.54
N GLY B 648 11.61 39.09 20.92
CA GLY B 648 12.35 37.97 21.51
C GLY B 648 11.75 36.62 21.15
N GLY B 649 10.64 36.64 20.40
CA GLY B 649 9.87 35.43 20.04
C GLY B 649 10.47 34.74 18.83
N SER B 650 10.02 33.51 18.58
CA SER B 650 10.48 32.70 17.45
C SER B 650 9.27 32.13 16.68
N ILE B 651 9.24 32.35 15.36
CA ILE B 651 8.37 31.59 14.46
C ILE B 651 9.26 30.62 13.69
N THR B 652 8.87 29.34 13.58
CA THR B 652 9.64 28.38 12.75
C THR B 652 8.83 28.00 11.49
N ILE B 653 9.31 28.45 10.31
CA ILE B 653 8.77 28.07 8.98
C ILE B 653 9.69 26.98 8.42
N GLY B 654 9.21 26.23 7.42
CA GLY B 654 10.01 25.18 6.81
C GLY B 654 9.58 24.94 5.39
N GLY B 655 10.52 24.56 4.53
CA GLY B 655 10.26 24.27 3.11
C GLY B 655 11.09 23.10 2.59
N ALA B 656 11.09 22.94 1.26
CA ALA B 656 11.92 22.00 0.48
C ALA B 656 12.70 22.77 -0.60
N GLY B 657 13.72 22.12 -1.16
CA GLY B 657 14.54 22.73 -2.20
C GLY B 657 15.08 21.70 -3.17
N THR B 658 15.62 22.19 -4.29
CA THR B 658 16.18 21.37 -5.36
C THR B 658 17.65 21.76 -5.51
N GLY B 659 18.49 20.76 -5.89
CA GLY B 659 19.94 20.96 -5.97
C GLY B 659 20.57 20.65 -4.62
N ASN B 660 21.63 21.38 -4.24
CA ASN B 660 22.27 21.21 -2.92
C ASN B 660 22.03 22.46 -2.09
N PRO B 661 22.15 22.39 -0.75
CA PRO B 661 21.98 23.55 0.15
C PRO B 661 23.03 24.66 -0.05
N ALA B 662 22.65 25.88 0.34
CA ALA B 662 23.50 27.07 0.35
C ALA B 662 23.22 27.85 1.63
N GLU B 663 23.95 28.95 1.83
CA GLU B 663 23.79 29.78 3.03
C GLU B 663 22.64 30.78 2.80
N LEU B 664 21.85 31.05 3.86
CA LEU B 664 20.84 32.09 3.86
C LEU B 664 21.53 33.36 4.35
N LEU B 665 21.57 34.41 3.54
CA LEU B 665 22.40 35.58 3.87
C LEU B 665 21.61 36.88 3.73
N ASN B 666 22.04 37.89 4.50
CA ASN B 666 21.51 39.27 4.50
C ASN B 666 20.01 39.27 4.86
N ALA B 667 19.59 38.41 5.80
CA ALA B 667 18.16 38.33 6.16
C ALA B 667 17.74 39.63 6.90
N VAL B 668 16.55 40.12 6.53
CA VAL B 668 15.89 41.35 7.06
C VAL B 668 14.42 41.00 7.33
N ILE B 669 13.84 41.42 8.46
CA ILE B 669 12.37 41.22 8.73
C ILE B 669 11.70 42.60 8.81
N SER B 670 10.82 42.92 7.85
CA SER B 670 10.18 44.25 7.76
C SER B 670 8.80 44.18 8.42
#